data_2W41
#
_entry.id   2W41
#
_cell.length_a   82.529
_cell.length_b   57.632
_cell.length_c   123.922
_cell.angle_alpha   90.00
_cell.angle_beta   89.75
_cell.angle_gamma   90.00
#
_symmetry.space_group_name_H-M   'P 1 21 1'
#
loop_
_entity.id
_entity.type
_entity.pdbx_description
1 polymer 'GLYCEROL KINASE, PUTATIVE'
2 non-polymer "ADENOSINE-5'-DIPHOSPHATE"
3 non-polymer 1,2-ETHANEDIOL
4 water water
#
_entity_poly.entity_id   1
_entity_poly.type   'polypeptide(L)'
_entity_poly.pdbx_seq_one_letter_code
;ISEFGSMNVILSIDQSTQSTKVFFYDEELNIVHSNNLNHEQKCLKPGWYEHDPIEIMTNLYNLMNEGIKVLKDKYTSVII
KCIGITNQRETVIIWDRITGKPLYNAIVWLDTRVEELVTEFSAKYNNNDIQKKTGTYFNTYFSAFKILWLIQNNPEIKQK
IDDGTAVIGNINTWLIFNLTKGNCYTDVTNASRTLLMDINTLQWDEKMCKIFNITNMSVLPEIKSNCSNFGLVKSEHVPD
YLNIPITGCIGDQQSACIGQAIFDEGEAKCTYGTGVFLLINTGEKVVYSTCGLITTICYKFNDNDKPKYALEGSIGTAGS
GVSWLLKNKLIDDPSEASDIMEKCENTTGVIFVPAFSGLYAPRWRSDARASIYGMTFNTERSHIVRALLEGIAFQLNEIV
DSLTSDMGIEMLHVLRCDGGMTKNKPFMQFNSDIINTKIEVSKYKEVTSLGAAVLAGLEVKIWDSLDSVKSLLRRSDAVF
HSKMDDKKRKKKTSEWNKAVERTLIQL
;
_entity_poly.pdbx_strand_id   A,B
#
# COMPACT_ATOMS: atom_id res chain seq x y z
N SER A 2 31.16 37.04 37.08
CA SER A 2 30.25 37.42 38.25
C SER A 2 30.13 36.38 39.43
N GLU A 3 28.90 36.16 39.93
CA GLU A 3 28.66 35.87 41.39
C GLU A 3 28.57 34.42 41.92
N PHE A 4 28.43 33.45 41.04
CA PHE A 4 27.92 32.17 41.48
C PHE A 4 28.93 31.11 41.86
N GLY A 5 30.17 31.49 42.14
CA GLY A 5 31.12 30.57 42.73
C GLY A 5 31.92 29.71 41.75
N SER A 6 32.51 28.66 42.31
CA SER A 6 33.42 27.73 41.63
C SER A 6 32.66 26.76 40.70
N MET A 7 33.33 26.36 39.61
CA MET A 7 32.75 25.52 38.55
C MET A 7 33.86 24.77 37.77
N ASN A 8 34.03 23.49 38.07
CA ASN A 8 34.91 22.64 37.29
C ASN A 8 34.17 21.93 36.14
N VAL A 9 34.59 22.18 34.90
CA VAL A 9 33.94 21.55 33.76
C VAL A 9 34.86 20.73 32.85
N ILE A 10 34.22 19.82 32.13
CA ILE A 10 34.79 19.07 31.02
C ILE A 10 34.18 19.59 29.71
N LEU A 11 35.03 20.04 28.78
CA LEU A 11 34.56 20.39 27.42
C LEU A 11 34.43 19.12 26.55
N SER A 12 33.22 18.84 26.06
CA SER A 12 33.05 17.84 25.03
C SER A 12 32.64 18.50 23.69
N ILE A 13 33.47 18.33 22.68
CA ILE A 13 33.18 18.74 21.30
C ILE A 13 32.58 17.58 20.49
N ASP A 14 31.38 17.80 19.97
CA ASP A 14 30.75 16.87 19.05
C ASP A 14 30.68 17.52 17.65
N GLN A 15 31.67 17.21 16.80
CA GLN A 15 31.69 17.74 15.42
C GLN A 15 30.90 16.78 14.56
N SER A 16 29.64 17.12 14.35
CA SER A 16 28.68 16.26 13.67
C SER A 16 28.67 16.46 12.14
N THR A 17 27.84 15.69 11.43
CA THR A 17 27.61 15.87 10.00
C THR A 17 27.01 17.25 9.70
N GLN A 18 26.00 17.58 10.48
CA GLN A 18 25.09 18.67 10.16
C GLN A 18 25.66 19.92 10.76
N SER A 19 26.23 19.78 11.97
CA SER A 19 26.66 20.94 12.79
C SER A 19 27.78 20.57 13.76
N THR A 20 28.25 21.60 14.46
CA THR A 20 29.26 21.50 15.51
C THR A 20 28.65 21.92 16.83
N LYS A 21 28.72 21.03 17.83
CA LYS A 21 28.19 21.23 19.20
C LYS A 21 29.32 21.34 20.23
N VAL A 22 29.15 22.23 21.23
CA VAL A 22 29.98 22.22 22.42
C VAL A 22 29.10 21.96 23.67
N PHE A 23 29.52 21.03 24.52
CA PHE A 23 28.89 20.73 25.80
C PHE A 23 29.89 20.97 26.94
N PHE A 24 29.49 21.79 27.91
CA PHE A 24 30.26 22.00 29.12
C PHE A 24 29.67 21.13 30.23
N TYR A 25 30.26 19.99 30.52
CA TYR A 25 29.77 19.12 31.60
C TYR A 25 30.42 19.44 32.96
N ASP A 26 29.68 19.39 34.05
CA ASP A 26 30.35 19.41 35.35
C ASP A 26 30.80 17.97 35.67
N GLU A 27 31.37 17.75 36.85
CA GLU A 27 31.98 16.44 37.10
C GLU A 27 30.97 15.43 37.64
N GLU A 28 29.72 15.87 37.71
CA GLU A 28 28.53 15.05 37.99
C GLU A 28 27.81 14.75 36.66
N LEU A 29 28.34 15.29 35.56
CA LEU A 29 27.86 15.02 34.19
C LEU A 29 26.51 15.66 33.93
N ASN A 30 26.33 16.86 34.49
CA ASN A 30 25.22 17.69 34.13
C ASN A 30 25.71 18.64 33.05
N ILE A 31 24.83 19.02 32.16
CA ILE A 31 25.23 19.99 31.14
C ILE A 31 25.09 21.36 31.77
N VAL A 32 26.20 21.97 32.18
CA VAL A 32 26.12 23.34 32.66
C VAL A 32 25.83 24.36 31.51
N HIS A 33 26.41 24.14 30.32
CA HIS A 33 26.11 24.96 29.11
C HIS A 33 26.29 24.14 27.81
N SER A 34 25.53 24.48 26.77
CA SER A 34 25.79 24.00 25.38
C SER A 34 25.32 24.96 24.29
N ASN A 35 25.97 24.91 23.14
CA ASN A 35 25.56 25.69 21.99
C ASN A 35 25.92 24.92 20.75
N ASN A 36 25.46 25.39 19.60
CA ASN A 36 25.87 24.81 18.33
C ASN A 36 25.69 25.73 17.14
N LEU A 37 26.24 25.28 16.00
CA LEU A 37 26.32 26.03 14.74
C LEU A 37 26.38 25.10 13.54
N ASN A 38 25.35 25.16 12.70
CA ASN A 38 25.38 24.52 11.38
C ASN A 38 26.60 24.95 10.53
N HIS A 39 26.98 24.11 9.56
CA HIS A 39 27.97 24.42 8.50
C HIS A 39 27.35 23.90 7.22
N GLU A 40 27.78 24.39 6.07
CA GLU A 40 27.04 24.09 4.84
C GLU A 40 27.27 22.68 4.33
N GLN A 41 26.17 22.03 3.99
CA GLN A 41 26.15 20.69 3.43
C GLN A 41 26.24 20.78 1.90
N LYS A 42 27.47 20.77 1.36
CA LYS A 42 27.71 21.06 -0.07
C LYS A 42 27.51 19.86 -0.95
N CYS A 43 26.36 19.79 -1.64
CA CYS A 43 26.09 18.73 -2.64
C CYS A 43 26.17 19.22 -4.14
N LEU A 44 27.39 19.52 -4.62
CA LEU A 44 27.66 19.99 -6.00
C LEU A 44 26.82 19.32 -7.11
N LYS A 45 27.33 18.23 -7.67
CA LYS A 45 26.52 17.39 -8.56
C LYS A 45 25.95 16.24 -7.76
N PRO A 46 25.14 15.37 -8.41
CA PRO A 46 24.55 14.28 -7.63
C PRO A 46 25.60 13.31 -7.06
N GLY A 47 25.34 12.78 -5.88
CA GLY A 47 26.25 11.79 -5.25
C GLY A 47 27.46 12.37 -4.54
N TRP A 48 27.73 13.67 -4.76
CA TRP A 48 28.82 14.44 -4.11
C TRP A 48 28.29 15.08 -2.83
N TYR A 49 29.16 15.21 -1.82
CA TYR A 49 28.80 15.70 -0.45
C TYR A 49 30.06 16.12 0.28
N GLU A 50 30.21 17.43 0.49
CA GLU A 50 31.45 18.02 0.99
C GLU A 50 31.22 19.02 2.14
N HIS A 51 32.28 19.33 2.90
CA HIS A 51 32.28 20.35 3.97
C HIS A 51 33.47 21.24 3.83
N ASP A 52 33.34 22.50 4.25
CA ASP A 52 34.50 23.39 4.30
C ASP A 52 35.26 23.16 5.60
N PRO A 53 36.45 22.55 5.55
CA PRO A 53 37.12 22.26 6.82
C PRO A 53 37.38 23.50 7.66
N ILE A 54 37.54 24.65 7.01
CA ILE A 54 37.85 25.90 7.74
C ILE A 54 36.59 26.43 8.41
N GLU A 55 35.43 26.22 7.77
CA GLU A 55 34.16 26.72 8.29
C GLU A 55 33.86 26.00 9.62
N ILE A 56 33.93 24.67 9.59
CA ILE A 56 33.92 23.80 10.77
C ILE A 56 34.85 24.31 11.88
N MET A 57 36.12 24.53 11.56
CA MET A 57 37.08 24.98 12.56
C MET A 57 36.69 26.31 13.17
N THR A 58 36.20 27.22 12.34
CA THR A 58 35.87 28.61 12.72
C THR A 58 34.57 28.67 13.52
N ASN A 59 33.55 27.90 13.12
CA ASN A 59 32.40 27.53 14.01
C ASN A 59 32.85 26.97 15.40
N LEU A 60 33.77 25.99 15.42
CA LEU A 60 34.31 25.46 16.68
C LEU A 60 34.92 26.52 17.62
N TYR A 61 35.87 27.32 17.12
CA TYR A 61 36.42 28.45 17.88
C TYR A 61 35.33 29.40 18.37
N ASN A 62 34.39 29.73 17.50
CA ASN A 62 33.34 30.64 17.90
C ASN A 62 32.52 30.16 19.09
N LEU A 63 32.09 28.89 19.03
CA LEU A 63 31.39 28.20 20.11
C LEU A 63 32.19 28.08 21.41
N MET A 64 33.49 27.81 21.28
CA MET A 64 34.37 27.66 22.42
C MET A 64 34.45 29.01 23.14
N ASN A 65 34.63 30.07 22.36
CA ASN A 65 34.81 31.39 22.95
C ASN A 65 33.54 31.97 23.58
N GLU A 66 32.39 31.74 22.95
CA GLU A 66 31.11 32.19 23.53
C GLU A 66 30.66 31.39 24.77
N GLY A 67 30.88 30.08 24.75
CA GLY A 67 30.63 29.23 25.93
C GLY A 67 31.37 29.66 27.18
N ILE A 68 32.66 29.99 27.05
CA ILE A 68 33.45 30.30 28.21
C ILE A 68 33.11 31.67 28.76
N LYS A 69 32.85 32.64 27.89
CA LYS A 69 32.32 33.94 28.32
C LYS A 69 30.98 33.81 29.12
N VAL A 70 30.07 32.98 28.63
CA VAL A 70 28.78 32.72 29.28
C VAL A 70 28.99 32.14 30.67
N LEU A 71 29.85 31.13 30.76
CA LEU A 71 30.20 30.53 32.05
C LEU A 71 30.89 31.50 32.96
N LYS A 72 31.85 32.26 32.44
CA LYS A 72 32.61 33.23 33.26
C LYS A 72 31.75 34.41 33.69
N ASP A 73 30.64 34.65 32.99
CA ASP A 73 29.75 35.74 33.35
C ASP A 73 28.77 35.34 34.45
N LYS A 74 28.72 34.05 34.76
CA LYS A 74 27.84 33.49 35.78
C LYS A 74 28.63 33.09 37.06
N TYR A 75 29.69 32.32 36.86
CA TYR A 75 30.56 31.84 37.95
C TYR A 75 31.77 32.73 38.26
N THR A 76 32.39 32.46 39.41
CA THR A 76 33.47 33.25 39.99
C THR A 76 34.81 32.62 39.63
N SER A 77 34.86 31.29 39.64
CA SER A 77 36.06 30.54 39.32
C SER A 77 35.69 29.39 38.36
N VAL A 78 35.74 29.67 37.05
CA VAL A 78 35.53 28.67 35.99
C VAL A 78 36.83 27.88 35.66
N ILE A 79 36.79 26.55 35.83
CA ILE A 79 37.95 25.75 35.44
C ILE A 79 37.62 24.68 34.41
N ILE A 80 38.15 24.84 33.19
CA ILE A 80 38.00 23.79 32.15
C ILE A 80 39.16 22.85 32.26
N LYS A 81 38.90 21.69 32.84
CA LYS A 81 39.97 20.78 33.26
C LYS A 81 40.56 19.96 32.11
N CYS A 82 39.73 19.55 31.15
CA CYS A 82 40.17 18.76 30.03
C CYS A 82 39.17 18.84 28.90
N ILE A 83 39.55 18.32 27.72
CA ILE A 83 38.71 18.35 26.48
C ILE A 83 38.56 16.99 25.84
N GLY A 84 37.32 16.59 25.59
CA GLY A 84 36.98 15.35 24.88
C GLY A 84 36.50 15.68 23.48
N ILE A 85 37.04 14.99 22.48
CA ILE A 85 36.61 15.14 21.06
C ILE A 85 35.88 13.90 20.49
N THR A 86 34.68 14.11 19.94
CA THR A 86 33.98 13.10 19.18
C THR A 86 33.47 13.74 17.86
N ASN A 87 33.16 12.91 16.87
CA ASN A 87 33.13 13.36 15.45
C ASN A 87 32.48 12.37 14.48
N GLN A 88 31.83 12.94 13.47
CA GLN A 88 31.47 12.23 12.23
C GLN A 88 32.67 11.47 11.67
N ARG A 89 32.52 10.15 11.61
CA ARG A 89 33.62 9.29 11.19
C ARG A 89 33.77 9.26 9.65
N GLU A 90 34.83 8.62 9.17
CA GLU A 90 34.97 8.29 7.72
C GLU A 90 35.29 9.49 6.80
N THR A 91 34.49 10.57 6.93
CA THR A 91 34.77 11.90 6.37
C THR A 91 36.23 12.17 6.49
N VAL A 92 36.84 12.64 5.39
CA VAL A 92 38.29 12.72 5.26
C VAL A 92 38.79 14.08 4.71
N ILE A 93 39.89 14.56 5.27
CA ILE A 93 40.56 15.74 4.75
C ILE A 93 42.04 15.45 4.49
N ILE A 94 42.55 16.07 3.42
CA ILE A 94 43.98 16.02 3.17
C ILE A 94 44.46 17.45 3.19
N TRP A 95 45.51 17.69 3.94
CA TRP A 95 46.02 19.06 4.05
C TRP A 95 47.54 19.15 4.04
N ASP A 96 48.03 20.37 4.10
CA ASP A 96 49.44 20.64 4.15
C ASP A 96 49.98 20.63 5.57
N ARG A 97 50.94 19.76 5.80
CA ARG A 97 51.53 19.58 7.13
C ARG A 97 52.08 20.83 7.82
N ILE A 98 52.53 21.82 7.05
CA ILE A 98 53.22 22.99 7.63
C ILE A 98 52.37 24.28 7.63
N THR A 99 51.53 24.47 6.62
CA THR A 99 50.60 25.62 6.60
C THR A 99 49.20 25.27 7.15
N GLY A 100 48.87 23.98 7.10
CA GLY A 100 47.56 23.51 7.49
C GLY A 100 46.45 23.83 6.51
N LYS A 101 46.80 24.28 5.30
CA LYS A 101 45.78 24.55 4.26
C LYS A 101 45.27 23.21 3.81
N PRO A 102 43.94 23.04 3.74
CA PRO A 102 43.37 21.94 2.99
C PRO A 102 43.71 22.00 1.50
N LEU A 103 44.16 20.87 0.97
CA LEU A 103 44.40 20.69 -0.45
C LEU A 103 43.09 20.35 -1.17
N TYR A 104 42.02 20.20 -0.38
CA TYR A 104 40.66 19.98 -0.88
C TYR A 104 39.70 19.92 0.32
N ASN A 105 38.43 20.22 0.05
CA ASN A 105 37.36 20.05 1.04
C ASN A 105 37.36 18.71 1.71
N ALA A 106 36.67 18.63 2.83
CA ALA A 106 36.33 17.34 3.43
C ALA A 106 35.35 16.62 2.48
N ILE A 107 35.56 15.33 2.26
CA ILE A 107 34.62 14.54 1.49
C ILE A 107 33.88 13.69 2.53
N VAL A 108 32.59 13.94 2.68
CA VAL A 108 31.77 13.45 3.75
C VAL A 108 31.53 11.94 3.56
N TRP A 109 31.31 11.20 4.65
CA TRP A 109 31.05 9.75 4.59
C TRP A 109 29.87 9.40 3.69
N LEU A 110 28.96 10.36 3.57
CA LEU A 110 27.73 10.19 2.79
C LEU A 110 27.96 10.30 1.25
N ASP A 111 29.09 10.91 0.84
CA ASP A 111 29.57 11.00 -0.56
C ASP A 111 29.66 9.64 -1.25
N THR A 112 29.21 9.56 -2.51
CA THR A 112 29.23 8.32 -3.32
C THR A 112 29.91 8.49 -4.70
N ARG A 113 30.73 9.53 -4.89
CA ARG A 113 31.40 9.65 -6.20
C ARG A 113 32.35 8.46 -6.48
N VAL A 114 32.70 7.69 -5.44
CA VAL A 114 33.67 6.58 -5.54
C VAL A 114 33.00 5.22 -5.84
N GLU A 115 31.71 5.25 -6.18
CA GLU A 115 30.96 4.03 -6.44
C GLU A 115 31.54 3.13 -7.54
N GLU A 116 32.05 3.73 -8.62
CA GLU A 116 32.54 2.94 -9.76
C GLU A 116 33.85 2.25 -9.36
N LEU A 117 34.69 2.99 -8.63
CA LEU A 117 35.92 2.37 -8.11
C LEU A 117 35.67 1.16 -7.20
N VAL A 118 34.66 1.26 -6.34
CA VAL A 118 34.36 0.20 -5.36
C VAL A 118 33.97 -1.02 -6.17
N THR A 119 33.11 -0.83 -7.18
CA THR A 119 32.72 -1.93 -8.11
C THR A 119 33.95 -2.56 -8.78
N GLU A 120 34.78 -1.71 -9.42
CA GLU A 120 36.05 -2.18 -10.02
C GLU A 120 36.93 -2.97 -9.07
N PHE A 121 37.38 -2.32 -7.97
CA PHE A 121 38.24 -2.96 -6.96
C PHE A 121 37.61 -4.23 -6.38
N SER A 122 36.27 -4.27 -6.24
CA SER A 122 35.55 -5.46 -5.79
C SER A 122 35.54 -6.64 -6.82
N ALA A 123 35.59 -6.28 -8.10
CA ALA A 123 35.68 -7.25 -9.20
C ALA A 123 37.10 -7.91 -9.21
N LYS A 124 38.09 -7.18 -8.69
CA LYS A 124 39.49 -7.56 -8.79
C LYS A 124 39.98 -8.28 -7.51
N TYR A 125 39.62 -7.76 -6.34
CA TYR A 125 40.12 -8.34 -5.08
C TYR A 125 39.18 -9.38 -4.44
N ASN A 126 39.77 -10.33 -3.72
CA ASN A 126 39.02 -11.14 -2.79
C ASN A 126 38.55 -10.21 -1.65
N ASN A 127 37.25 -9.85 -1.68
CA ASN A 127 36.60 -9.02 -0.67
C ASN A 127 36.58 -9.71 0.66
N ASN A 128 36.71 -11.03 0.61
CA ASN A 128 36.91 -11.90 1.75
C ASN A 128 38.20 -11.71 2.52
N ASP A 129 39.28 -11.47 1.80
CA ASP A 129 40.60 -11.16 2.38
C ASP A 129 40.60 -9.75 2.93
N ILE A 130 39.89 -8.84 2.25
CA ILE A 130 39.72 -7.47 2.76
C ILE A 130 38.98 -7.46 4.13
N GLN A 131 37.92 -8.25 4.23
CA GLN A 131 37.15 -8.34 5.45
C GLN A 131 38.00 -8.85 6.59
N LYS A 132 38.78 -9.92 6.36
CA LYS A 132 39.75 -10.43 7.38
C LYS A 132 40.78 -9.38 7.79
N LYS A 133 41.31 -8.60 6.85
CA LYS A 133 42.26 -7.54 7.17
C LYS A 133 41.69 -6.31 7.94
N THR A 134 40.55 -5.78 7.47
CA THR A 134 40.06 -4.47 7.86
C THR A 134 38.71 -4.56 8.63
N GLY A 135 38.05 -5.71 8.56
CA GLY A 135 36.77 -5.90 9.25
C GLY A 135 35.56 -5.65 8.37
N THR A 136 35.79 -5.12 7.18
CA THR A 136 34.73 -4.82 6.21
C THR A 136 35.14 -5.08 4.74
N TYR A 137 34.16 -5.32 3.90
CA TYR A 137 34.33 -5.25 2.43
C TYR A 137 34.58 -3.80 1.96
N PHE A 138 34.90 -3.64 0.68
CA PHE A 138 35.17 -2.32 0.12
C PHE A 138 33.84 -1.62 0.13
N ASN A 139 33.85 -0.31 0.37
CA ASN A 139 32.62 0.46 0.36
C ASN A 139 32.88 1.93 0.07
N THR A 140 31.78 2.64 -0.21
CA THR A 140 31.83 4.07 -0.52
C THR A 140 31.93 4.95 0.70
N TYR A 141 31.66 4.42 1.89
CA TYR A 141 31.59 5.25 3.10
C TYR A 141 32.94 5.59 3.76
N PHE A 142 33.77 4.57 3.87
CA PHE A 142 35.08 4.64 4.52
C PHE A 142 36.04 5.52 3.74
N SER A 143 37.12 5.94 4.38
CA SER A 143 37.97 6.98 3.87
C SER A 143 38.82 6.64 2.63
N ALA A 144 39.23 5.38 2.48
CA ALA A 144 40.29 5.01 1.51
C ALA A 144 39.96 5.28 0.04
N PHE A 145 38.75 4.93 -0.38
CA PHE A 145 38.36 5.15 -1.76
C PHE A 145 38.26 6.63 -2.07
N LYS A 146 38.15 7.47 -1.04
CA LYS A 146 38.03 8.92 -1.23
C LYS A 146 39.43 9.49 -1.30
N ILE A 147 40.31 9.02 -0.43
CA ILE A 147 41.73 9.36 -0.48
C ILE A 147 42.29 9.01 -1.88
N LEU A 148 41.90 7.85 -2.42
CA LEU A 148 42.23 7.37 -3.78
C LEU A 148 41.71 8.28 -4.88
N TRP A 149 40.42 8.57 -4.82
CA TRP A 149 39.85 9.53 -5.76
C TRP A 149 40.66 10.83 -5.75
N LEU A 150 41.06 11.31 -4.58
CA LEU A 150 41.88 12.55 -4.51
C LEU A 150 43.23 12.40 -5.20
N ILE A 151 43.88 11.26 -4.97
CA ILE A 151 45.17 10.92 -5.60
C ILE A 151 45.12 10.83 -7.14
N GLN A 152 43.97 10.39 -7.65
CA GLN A 152 43.78 10.19 -9.08
C GLN A 152 43.36 11.45 -9.84
N ASN A 153 42.59 12.34 -9.21
CA ASN A 153 42.06 13.54 -9.90
C ASN A 153 42.70 14.78 -9.39
N ASN A 154 43.83 14.64 -8.71
CA ASN A 154 44.49 15.78 -8.10
C ASN A 154 46.00 15.54 -7.98
N PRO A 155 46.77 16.11 -8.92
CA PRO A 155 48.24 16.01 -9.00
C PRO A 155 48.98 16.58 -7.79
N GLU A 156 48.46 17.68 -7.24
CA GLU A 156 49.05 18.23 -6.01
C GLU A 156 48.95 17.25 -4.80
N ILE A 157 47.79 16.60 -4.64
CA ILE A 157 47.58 15.65 -3.54
C ILE A 157 48.45 14.40 -3.69
N LYS A 158 48.47 13.84 -4.90
CA LYS A 158 49.42 12.78 -5.29
C LYS A 158 50.89 13.12 -4.95
N GLN A 159 51.28 14.35 -5.27
CA GLN A 159 52.66 14.80 -5.14
C GLN A 159 53.11 15.07 -3.71
N LYS A 160 52.24 15.70 -2.90
CA LYS A 160 52.56 16.01 -1.50
C LYS A 160 52.32 14.81 -0.56
N ILE A 161 51.51 13.85 -0.98
CA ILE A 161 51.51 12.53 -0.31
C ILE A 161 52.89 11.80 -0.51
N ASP A 162 53.34 11.77 -1.78
CA ASP A 162 54.60 11.16 -2.26
C ASP A 162 55.82 11.79 -1.58
N ASP A 163 55.87 13.12 -1.56
CA ASP A 163 57.02 13.79 -0.94
C ASP A 163 57.00 13.86 0.61
N GLY A 164 55.85 13.52 1.21
CA GLY A 164 55.71 13.41 2.67
C GLY A 164 55.35 14.69 3.43
N THR A 165 54.79 15.68 2.70
CA THR A 165 54.47 16.99 3.27
C THR A 165 52.95 17.21 3.42
N ALA A 166 52.18 16.15 3.22
CA ALA A 166 50.73 16.20 3.48
C ALA A 166 50.32 15.29 4.65
N VAL A 167 49.11 15.58 5.18
CA VAL A 167 48.45 14.80 6.23
C VAL A 167 47.08 14.33 5.72
N ILE A 168 46.85 13.03 5.86
CA ILE A 168 45.54 12.45 5.65
C ILE A 168 44.84 12.21 7.03
N GLY A 169 43.80 12.99 7.30
CA GLY A 169 43.08 12.88 8.55
C GLY A 169 41.58 12.80 8.45
N ASN A 170 41.01 11.99 9.32
CA ASN A 170 39.60 12.11 9.71
C ASN A 170 39.41 13.38 10.54
N ILE A 171 38.15 13.74 10.82
CA ILE A 171 37.78 15.02 11.48
C ILE A 171 38.41 15.24 12.85
N ASN A 172 38.64 14.17 13.62
CA ASN A 172 39.31 14.27 14.91
C ASN A 172 40.71 14.83 14.79
N THR A 173 41.49 14.21 13.89
CA THR A 173 42.87 14.56 13.51
C THR A 173 42.91 16.04 13.13
N TRP A 174 41.96 16.44 12.29
CA TRP A 174 41.82 17.82 11.83
C TRP A 174 41.58 18.79 12.99
N LEU A 175 40.60 18.48 13.86
CA LEU A 175 40.36 19.21 15.15
C LEU A 175 41.60 19.35 16.07
N ILE A 176 42.23 18.21 16.39
CA ILE A 176 43.41 18.15 17.27
C ILE A 176 44.64 18.88 16.68
N PHE A 177 44.89 18.71 15.38
CA PHE A 177 45.95 19.41 14.64
C PHE A 177 45.83 20.94 14.73
N ASN A 178 44.65 21.49 14.47
CA ASN A 178 44.41 22.93 14.61
C ASN A 178 44.46 23.44 16.06
N LEU A 179 43.86 22.70 16.99
CA LEU A 179 43.78 23.16 18.39
C LEU A 179 45.15 23.19 19.06
N THR A 180 46.00 22.21 18.71
CA THR A 180 47.32 22.10 19.30
C THR A 180 48.44 22.69 18.43
N LYS A 181 48.04 23.32 17.33
CA LYS A 181 48.93 23.91 16.33
C LYS A 181 50.04 22.94 15.86
N GLY A 182 49.63 21.70 15.53
CA GLY A 182 50.52 20.78 14.82
C GLY A 182 50.49 19.28 15.06
N ASN A 183 49.96 18.83 16.20
CA ASN A 183 49.90 17.40 16.54
C ASN A 183 49.15 16.54 15.54
N CYS A 184 49.68 15.36 15.21
CA CYS A 184 49.07 14.49 14.18
C CYS A 184 48.67 13.09 14.73
N TYR A 185 47.42 13.00 15.20
CA TYR A 185 46.91 11.85 15.94
C TYR A 185 45.57 11.40 15.42
N THR A 186 45.30 10.12 15.65
CA THR A 186 43.96 9.57 15.53
C THR A 186 43.81 8.66 16.73
N ASP A 187 42.66 7.99 16.87
CA ASP A 187 42.46 7.00 17.87
C ASP A 187 42.04 5.73 17.15
N VAL A 188 41.93 4.64 17.89
CA VAL A 188 41.61 3.34 17.32
C VAL A 188 40.28 3.24 16.59
N THR A 189 39.25 3.95 17.07
CA THR A 189 37.90 3.79 16.53
C THR A 189 37.77 4.47 15.16
N ASN A 190 38.31 5.68 15.07
CA ASN A 190 38.44 6.43 13.82
C ASN A 190 39.36 5.70 12.79
N ALA A 191 40.56 5.27 13.24
CA ALA A 191 41.46 4.53 12.40
C ALA A 191 40.74 3.33 11.79
N SER A 192 39.82 2.71 12.51
CA SER A 192 39.14 1.55 12.03
C SER A 192 38.14 1.87 10.89
N ARG A 193 37.90 3.15 10.60
CA ARG A 193 36.92 3.56 9.61
C ARG A 193 37.56 4.13 8.32
N THR A 194 38.77 3.68 8.00
CA THR A 194 39.60 4.27 6.93
C THR A 194 39.86 3.29 5.81
N LEU A 195 39.69 2.01 6.12
CA LEU A 195 40.04 0.87 5.23
C LEU A 195 41.58 0.61 5.19
N LEU A 196 42.33 1.31 6.03
CA LEU A 196 43.79 1.20 6.03
C LEU A 196 44.38 0.47 7.24
N MET A 197 43.55 0.12 8.22
CA MET A 197 44.04 -0.38 9.52
C MET A 197 43.82 -1.89 9.63
N ASP A 198 44.83 -2.63 10.14
CA ASP A 198 44.67 -4.05 10.42
C ASP A 198 43.77 -4.07 11.63
N ILE A 199 42.57 -4.65 11.49
CA ILE A 199 41.56 -4.72 12.58
C ILE A 199 42.06 -5.59 13.76
N ASN A 200 43.02 -6.48 13.50
CA ASN A 200 43.63 -7.33 14.53
C ASN A 200 44.80 -6.71 15.27
N THR A 201 45.71 -6.05 14.56
CA THR A 201 46.91 -5.48 15.21
C THR A 201 46.89 -3.98 15.47
N LEU A 202 45.81 -3.30 15.09
CA LEU A 202 45.69 -1.84 15.33
C LEU A 202 46.80 -0.97 14.73
N GLN A 203 47.38 -1.45 13.63
CA GLN A 203 48.40 -0.73 12.90
C GLN A 203 47.91 -0.41 11.52
N TRP A 204 48.37 0.73 10.99
CA TRP A 204 48.24 1.06 9.59
C TRP A 204 48.76 -0.14 8.78
N ASP A 205 48.06 -0.50 7.69
CA ASP A 205 48.39 -1.69 6.90
C ASP A 205 49.03 -1.29 5.57
N GLU A 206 50.21 -1.90 5.39
CA GLU A 206 51.01 -1.87 4.18
C GLU A 206 50.27 -2.25 2.92
N LYS A 207 49.83 -3.50 2.85
CA LYS A 207 49.11 -4.02 1.67
C LYS A 207 47.90 -3.14 1.36
N MET A 208 47.17 -2.66 2.38
CA MET A 208 45.96 -1.87 2.15
C MET A 208 46.31 -0.52 1.55
N CYS A 209 47.43 0.01 1.98
CA CYS A 209 47.92 1.26 1.43
C CYS A 209 48.41 1.07 0.00
N LYS A 210 48.97 -0.11 -0.26
CA LYS A 210 49.45 -0.45 -1.59
C LYS A 210 48.26 -0.41 -2.49
N ILE A 211 47.22 -1.14 -2.14
CA ILE A 211 45.95 -1.16 -2.88
C ILE A 211 45.42 0.22 -3.27
N PHE A 212 45.72 1.21 -2.43
CA PHE A 212 45.04 2.50 -2.42
C PHE A 212 45.97 3.67 -2.78
N ASN A 213 47.20 3.32 -3.18
CA ASN A 213 48.19 4.29 -3.67
C ASN A 213 48.77 5.19 -2.61
N ILE A 214 48.56 4.85 -1.35
CA ILE A 214 49.25 5.56 -0.30
C ILE A 214 50.68 5.03 -0.35
N THR A 215 51.46 5.75 -1.15
CA THR A 215 52.86 5.39 -1.46
C THR A 215 53.83 5.69 -0.29
N ASN A 216 53.54 6.74 0.48
CA ASN A 216 54.30 7.15 1.69
C ASN A 216 53.47 7.07 3.02
N MET A 217 53.62 5.97 3.76
CA MET A 217 52.88 5.74 5.03
C MET A 217 53.12 6.69 6.21
N SER A 218 53.96 7.70 6.03
CA SER A 218 54.28 8.58 7.15
C SER A 218 53.36 9.81 7.16
N VAL A 219 52.51 9.93 6.14
CA VAL A 219 51.45 10.95 6.14
C VAL A 219 50.22 10.61 7.01
N LEU A 220 50.26 9.46 7.65
CA LEU A 220 49.17 8.95 8.44
C LEU A 220 49.49 9.20 9.88
N PRO A 221 48.50 9.68 10.67
CA PRO A 221 48.75 10.07 12.07
C PRO A 221 48.91 8.86 12.96
N GLU A 222 49.68 9.00 14.01
CA GLU A 222 49.76 7.96 15.01
C GLU A 222 48.37 7.60 15.57
N ILE A 223 48.07 6.31 15.62
CA ILE A 223 46.90 5.77 16.27
C ILE A 223 47.11 5.69 17.78
N LYS A 224 46.33 6.47 18.51
CA LYS A 224 46.39 6.47 19.95
C LYS A 224 45.18 5.70 20.49
N SER A 225 45.20 5.43 21.78
CA SER A 225 44.01 4.91 22.39
C SER A 225 43.05 6.07 22.73
N ASN A 226 41.84 5.68 23.17
CA ASN A 226 40.73 6.64 23.37
C ASN A 226 40.95 7.61 24.53
N CYS A 227 41.67 7.12 25.54
CA CYS A 227 42.18 7.92 26.64
C CYS A 227 43.70 8.00 26.40
N SER A 228 44.24 9.21 26.40
CA SER A 228 45.58 9.50 25.94
C SER A 228 45.81 11.02 25.95
N ASN A 229 47.05 11.45 25.84
CA ASN A 229 47.35 12.89 25.77
C ASN A 229 47.53 13.27 24.33
N PHE A 230 46.58 14.03 23.82
CA PHE A 230 46.51 14.31 22.40
C PHE A 230 47.16 15.65 22.14
N GLY A 231 47.64 16.26 23.23
CA GLY A 231 48.31 17.55 23.21
C GLY A 231 47.63 18.60 24.03
N LEU A 232 48.23 19.78 24.06
CA LEU A 232 47.68 20.92 24.78
C LEU A 232 47.13 21.84 23.74
N VAL A 233 46.08 22.58 24.11
CA VAL A 233 45.58 23.67 23.27
C VAL A 233 46.61 24.84 23.26
N LYS A 234 47.04 25.23 22.07
CA LYS A 234 48.00 26.37 21.84
C LYS A 234 47.43 27.47 20.94
N SER A 235 46.33 27.17 20.24
CA SER A 235 45.73 28.09 19.25
C SER A 235 45.44 29.49 19.81
N GLU A 236 45.68 30.50 18.97
CA GLU A 236 45.49 31.88 19.40
C GLU A 236 44.08 32.30 19.00
N HIS A 237 43.32 31.33 18.53
CA HIS A 237 41.94 31.59 18.13
C HIS A 237 41.02 31.44 19.33
N VAL A 238 41.46 30.61 20.29
CA VAL A 238 40.75 30.34 21.55
C VAL A 238 41.70 30.68 22.71
N PRO A 239 41.91 31.97 22.99
CA PRO A 239 42.97 32.38 23.92
C PRO A 239 42.79 31.87 25.35
N ASP A 240 41.54 31.74 25.79
CA ASP A 240 41.22 31.34 27.16
C ASP A 240 41.55 29.87 27.47
N TYR A 241 41.72 29.10 26.38
CA TYR A 241 41.95 27.68 26.46
C TYR A 241 43.40 27.26 26.40
N LEU A 242 44.33 28.24 26.40
CA LEU A 242 45.74 27.96 26.26
C LEU A 242 46.20 27.01 27.35
N ASN A 243 46.81 25.90 26.91
CA ASN A 243 47.43 24.92 27.81
C ASN A 243 46.46 23.93 28.47
N ILE A 244 45.21 23.99 28.05
CA ILE A 244 44.22 22.98 28.44
C ILE A 244 44.45 21.67 27.66
N PRO A 245 44.44 20.54 28.39
CA PRO A 245 44.66 19.21 27.78
C PRO A 245 43.46 18.57 27.01
N ILE A 246 43.78 17.96 25.85
CA ILE A 246 42.82 17.17 25.08
C ILE A 246 43.11 15.75 25.49
N THR A 247 42.11 15.02 26.00
CA THR A 247 42.41 13.79 26.75
C THR A 247 41.47 12.64 26.43
N GLY A 248 40.47 12.91 25.59
CA GLY A 248 39.62 11.86 25.07
C GLY A 248 39.47 12.10 23.60
N CYS A 249 39.38 11.02 22.83
CA CYS A 249 39.10 11.11 21.40
C CYS A 249 38.48 9.80 20.92
N ILE A 250 37.26 9.88 20.37
CA ILE A 250 36.53 8.69 19.86
C ILE A 250 35.56 9.02 18.69
N GLY A 251 35.30 8.09 17.81
CA GLY A 251 34.31 8.33 16.77
C GLY A 251 32.92 8.37 17.35
N ASP A 252 32.03 9.18 16.77
CA ASP A 252 30.70 9.40 17.32
C ASP A 252 29.89 8.18 17.75
N GLN A 253 29.85 7.14 16.91
CA GLN A 253 29.04 5.95 17.18
C GLN A 253 29.59 5.13 18.33
N GLN A 254 30.91 5.07 18.41
CA GLN A 254 31.55 4.47 19.53
C GLN A 254 31.41 5.34 20.83
N SER A 255 31.48 6.65 20.69
CA SER A 255 31.25 7.57 21.83
C SER A 255 29.88 7.33 22.48
N ALA A 256 28.85 7.12 21.67
CA ALA A 256 27.51 6.90 22.12
C ALA A 256 27.41 5.54 22.82
N CYS A 257 28.27 4.58 22.48
CA CYS A 257 28.38 3.32 23.23
C CYS A 257 28.93 3.60 24.65
N ILE A 258 29.89 4.52 24.78
CA ILE A 258 30.44 4.90 26.10
C ILE A 258 29.35 5.64 26.92
N GLY A 259 28.71 6.65 26.34
CA GLY A 259 27.55 7.32 26.92
C GLY A 259 26.40 6.38 27.33
N GLN A 260 26.21 5.29 26.58
CA GLN A 260 25.17 4.28 26.88
C GLN A 260 25.65 3.09 27.76
N ALA A 261 26.89 3.19 28.25
CA ALA A 261 27.53 2.23 29.14
C ALA A 261 27.46 0.79 28.63
N ILE A 262 27.68 0.63 27.33
CA ILE A 262 27.67 -0.66 26.55
C ILE A 262 29.04 -1.37 26.70
N PHE A 263 29.46 -1.65 27.94
CA PHE A 263 30.88 -2.03 28.26
C PHE A 263 31.29 -3.51 28.14
N ASP A 264 30.32 -4.43 28.19
CA ASP A 264 30.58 -5.88 28.19
C ASP A 264 29.97 -6.65 27.00
N GLU A 265 30.48 -7.87 26.74
CA GLU A 265 30.08 -8.63 25.55
C GLU A 265 28.60 -8.93 25.61
N GLY A 266 27.92 -8.93 24.45
CA GLY A 266 26.48 -9.17 24.40
C GLY A 266 25.65 -7.95 24.74
N GLU A 267 26.31 -6.87 25.11
CA GLU A 267 25.65 -5.56 25.24
C GLU A 267 25.65 -4.79 23.94
N ALA A 268 24.48 -4.23 23.60
CA ALA A 268 24.17 -3.65 22.29
C ALA A 268 23.44 -2.31 22.40
N LYS A 269 23.70 -1.37 21.49
CA LYS A 269 22.89 -0.16 21.43
C LYS A 269 22.31 0.03 20.03
N CYS A 270 21.06 0.48 19.96
CA CYS A 270 20.39 0.83 18.69
C CYS A 270 19.92 2.29 18.69
N THR A 271 20.19 3.02 17.60
CA THR A 271 19.58 4.34 17.38
C THR A 271 18.33 4.22 16.48
N TYR A 272 17.19 4.74 16.91
CA TYR A 272 16.02 4.81 16.00
C TYR A 272 15.67 6.23 15.57
N GLY A 273 16.45 6.77 14.65
CA GLY A 273 16.19 8.09 14.06
C GLY A 273 15.75 7.95 12.60
N THR A 274 16.05 8.97 11.80
CA THR A 274 15.98 8.85 10.37
C THR A 274 16.70 7.57 9.91
N GLY A 275 17.91 7.34 10.40
CA GLY A 275 18.59 6.09 10.22
C GLY A 275 18.32 5.18 11.41
N VAL A 276 18.28 3.88 11.16
CA VAL A 276 18.10 2.88 12.20
C VAL A 276 19.27 1.94 12.03
N PHE A 277 20.15 1.94 13.01
CA PHE A 277 21.37 1.14 12.96
C PHE A 277 21.78 0.63 14.40
N LEU A 278 22.63 -0.38 14.45
CA LEU A 278 22.88 -1.11 15.67
C LEU A 278 24.38 -1.39 15.84
N LEU A 279 24.83 -1.39 17.11
CA LEU A 279 26.17 -1.83 17.46
C LEU A 279 26.08 -2.84 18.58
N ILE A 280 26.64 -4.03 18.37
CA ILE A 280 26.78 -5.05 19.45
C ILE A 280 28.22 -5.18 19.91
N ASN A 281 28.48 -4.94 21.20
CA ASN A 281 29.81 -5.18 21.81
C ASN A 281 30.17 -6.70 21.83
N THR A 282 31.31 -7.06 21.22
CA THR A 282 31.68 -8.48 21.10
C THR A 282 32.76 -8.93 22.10
N GLY A 283 32.94 -8.13 23.17
CA GLY A 283 34.01 -8.34 24.14
C GLY A 283 35.36 -8.17 23.48
N GLU A 284 36.29 -9.09 23.76
CA GLU A 284 37.68 -9.01 23.27
C GLU A 284 37.90 -9.87 22.04
N LYS A 285 36.83 -10.60 21.67
CA LYS A 285 36.73 -11.42 20.46
C LYS A 285 36.47 -10.65 19.12
N VAL A 286 37.41 -10.70 18.18
CA VAL A 286 37.16 -10.26 16.78
C VAL A 286 36.18 -11.27 16.14
N VAL A 287 34.91 -10.85 15.99
CA VAL A 287 33.92 -11.64 15.28
C VAL A 287 33.76 -11.02 13.87
N TYR A 288 33.96 -11.87 12.85
CA TYR A 288 33.72 -11.51 11.49
C TYR A 288 32.32 -12.00 11.17
N SER A 289 31.55 -11.15 10.51
CA SER A 289 30.19 -11.45 10.08
C SER A 289 30.23 -12.42 8.89
N THR A 290 29.21 -13.27 8.77
CA THR A 290 29.07 -14.18 7.62
C THR A 290 28.04 -13.67 6.61
N CYS A 291 27.47 -12.48 6.90
CA CYS A 291 26.36 -11.88 6.17
C CYS A 291 26.64 -10.47 5.74
N GLY A 292 27.92 -10.09 5.72
CA GLY A 292 28.39 -8.78 5.27
C GLY A 292 28.27 -7.57 6.21
N LEU A 293 28.05 -7.77 7.51
CA LEU A 293 28.05 -6.68 8.48
C LEU A 293 29.46 -6.34 8.90
N ILE A 294 29.63 -5.21 9.58
CA ILE A 294 30.94 -4.63 9.82
C ILE A 294 31.54 -5.01 11.18
N THR A 295 32.78 -5.49 11.16
CA THR A 295 33.60 -5.75 12.35
C THR A 295 34.33 -4.45 12.70
N THR A 296 34.05 -3.88 13.87
CA THR A 296 34.74 -2.63 14.26
C THR A 296 35.41 -2.69 15.65
N ILE A 297 36.09 -1.58 16.02
CA ILE A 297 36.60 -1.33 17.39
C ILE A 297 35.58 -0.51 18.19
N CYS A 298 35.10 -1.09 19.28
CA CYS A 298 34.28 -0.38 20.24
C CYS A 298 35.08 0.70 20.99
N TYR A 299 36.17 0.28 21.67
CA TYR A 299 37.05 1.22 22.41
C TYR A 299 38.33 0.51 22.92
N LYS A 300 39.32 1.33 23.24
CA LYS A 300 40.45 0.88 24.00
C LYS A 300 40.83 2.03 24.90
N PHE A 301 40.65 1.86 26.21
CA PHE A 301 40.94 2.96 27.12
C PHE A 301 42.44 3.26 27.12
N ASN A 302 43.26 2.27 27.48
CA ASN A 302 44.70 2.51 27.59
C ASN A 302 45.56 1.58 26.75
N ASP A 303 46.82 2.00 26.52
CA ASP A 303 47.80 1.22 25.74
C ASP A 303 47.96 -0.24 26.18
N ASN A 304 47.84 -0.49 27.48
CA ASN A 304 47.90 -1.83 28.02
C ASN A 304 46.71 -2.73 27.71
N ASP A 305 45.58 -2.14 27.33
CA ASP A 305 44.32 -2.89 27.28
C ASP A 305 44.16 -3.74 26.01
N LYS A 306 43.53 -4.89 26.18
CA LYS A 306 43.06 -5.60 25.03
C LYS A 306 41.90 -4.69 24.58
N PRO A 307 41.77 -4.43 23.27
CA PRO A 307 40.64 -3.62 22.82
C PRO A 307 39.37 -4.40 22.92
N LYS A 308 38.25 -3.69 23.04
CA LYS A 308 36.92 -4.35 22.94
C LYS A 308 36.42 -4.12 21.52
N TYR A 309 35.83 -5.17 20.96
CA TYR A 309 35.37 -5.19 19.57
C TYR A 309 33.85 -5.02 19.43
N ALA A 310 33.34 -4.76 18.23
CA ALA A 310 31.89 -4.65 18.01
C ALA A 310 31.45 -5.14 16.64
N LEU A 311 30.14 -5.38 16.52
CA LEU A 311 29.55 -5.67 15.23
C LEU A 311 28.48 -4.62 14.94
N GLU A 312 28.42 -4.17 13.68
CA GLU A 312 27.65 -3.00 13.26
C GLU A 312 26.69 -3.39 12.14
N GLY A 313 25.45 -2.93 12.22
CA GLY A 313 24.47 -3.18 11.17
C GLY A 313 23.51 -2.01 11.00
N SER A 314 23.06 -1.78 9.76
CA SER A 314 22.21 -0.64 9.43
C SER A 314 21.05 -1.08 8.57
N ILE A 315 19.86 -0.50 8.78
CA ILE A 315 18.73 -0.77 7.86
C ILE A 315 18.38 0.47 7.07
N GLY A 316 19.41 1.27 6.81
CA GLY A 316 19.31 2.55 6.13
C GLY A 316 18.45 3.56 6.89
N THR A 317 17.77 4.41 6.12
CA THR A 317 16.89 5.49 6.60
C THR A 317 15.46 5.00 6.87
N ALA A 318 15.34 3.86 7.55
CA ALA A 318 14.03 3.29 8.00
C ALA A 318 13.05 4.26 8.68
N GLY A 319 13.55 5.18 9.51
CA GLY A 319 12.70 6.19 10.13
C GLY A 319 12.05 7.13 9.13
N SER A 320 12.65 7.24 7.95
CA SER A 320 11.99 7.99 6.87
C SER A 320 10.70 7.39 6.31
N GLY A 321 10.41 6.13 6.64
CA GLY A 321 9.16 5.51 6.29
C GLY A 321 8.01 6.16 7.04
N VAL A 322 8.28 6.67 8.25
CA VAL A 322 7.31 7.56 8.93
C VAL A 322 7.04 8.88 8.19
N SER A 323 8.08 9.54 7.67
CA SER A 323 7.91 10.66 6.73
C SER A 323 7.12 10.32 5.45
N TRP A 324 7.29 9.11 4.92
CA TRP A 324 6.56 8.66 3.73
C TRP A 324 5.03 8.43 4.01
N LEU A 325 4.67 7.88 5.16
CA LEU A 325 3.26 7.86 5.62
C LEU A 325 2.67 9.29 5.65
N LEU A 326 3.48 10.26 6.11
CA LEU A 326 3.09 11.68 6.17
C LEU A 326 2.94 12.31 4.78
N LYS A 327 3.88 12.08 3.88
CA LYS A 327 3.68 12.52 2.52
C LYS A 327 2.37 11.98 1.91
N ASN A 328 2.02 10.73 2.18
CA ASN A 328 0.85 10.09 1.55
C ASN A 328 -0.42 10.20 2.40
N LYS A 329 -0.34 10.98 3.47
CA LYS A 329 -1.48 11.47 4.24
C LYS A 329 -1.99 10.36 5.09
N LEU A 330 -1.22 9.30 5.17
CA LEU A 330 -1.62 8.14 5.99
C LEU A 330 -1.54 8.37 7.50
N ILE A 331 -0.84 9.45 7.90
CA ILE A 331 -0.86 10.07 9.25
C ILE A 331 -0.68 11.56 9.11
N ASP A 332 -1.13 12.30 10.10
CA ASP A 332 -0.98 13.79 10.08
C ASP A 332 0.22 14.36 10.87
N ASP A 333 0.73 13.59 11.84
CA ASP A 333 1.85 13.98 12.67
C ASP A 333 2.51 12.70 13.14
N PRO A 334 3.87 12.67 13.25
CA PRO A 334 4.57 11.53 13.81
C PRO A 334 4.01 11.04 15.15
N SER A 335 3.41 11.94 15.92
CA SER A 335 2.92 11.58 17.25
C SER A 335 1.74 10.64 17.15
N GLU A 336 0.98 10.81 16.07
CA GLU A 336 -0.12 9.94 15.70
C GLU A 336 0.31 8.46 15.51
N ALA A 337 1.61 8.20 15.33
CA ALA A 337 2.12 6.85 15.17
C ALA A 337 2.12 6.08 16.51
N SER A 338 2.45 6.80 17.59
CA SER A 338 2.32 6.27 18.95
C SER A 338 0.88 5.90 19.30
N ASP A 339 -0.02 6.83 18.99
CA ASP A 339 -1.47 6.69 19.23
C ASP A 339 -2.03 5.45 18.53
N ILE A 340 -1.69 5.33 17.26
CA ILE A 340 -2.12 4.24 16.39
C ILE A 340 -1.68 2.87 16.92
N MET A 341 -0.46 2.75 17.40
CA MET A 341 0.04 1.48 17.91
C MET A 341 -0.46 1.08 19.34
N GLU A 342 -0.97 2.06 20.08
CA GLU A 342 -1.74 1.82 21.30
C GLU A 342 -3.13 1.23 20.96
N LYS A 343 -3.92 1.96 20.17
CA LYS A 343 -5.27 1.56 19.82
C LYS A 343 -5.30 0.24 19.03
N CYS A 344 -4.55 0.21 17.93
CA CYS A 344 -4.40 -0.93 17.05
C CYS A 344 -3.47 -2.03 17.64
N GLU A 345 -4.05 -3.12 18.13
CA GLU A 345 -3.30 -4.25 18.75
C GLU A 345 -2.52 -5.12 17.73
N ASN A 346 -3.13 -5.30 16.57
CA ASN A 346 -2.55 -6.00 15.43
C ASN A 346 -2.93 -5.27 14.11
N THR A 347 -2.58 -5.86 12.97
CA THR A 347 -2.79 -5.28 11.63
C THR A 347 -3.84 -6.11 10.84
N THR A 348 -4.51 -7.03 11.53
CA THR A 348 -5.43 -8.00 10.93
C THR A 348 -4.90 -8.67 9.66
N GLY A 349 -3.69 -9.22 9.76
CA GLY A 349 -3.05 -9.95 8.66
C GLY A 349 -2.28 -9.11 7.64
N VAL A 350 -2.34 -7.78 7.72
CA VAL A 350 -1.60 -6.89 6.83
C VAL A 350 -0.07 -6.90 7.08
N ILE A 351 0.72 -7.12 6.04
CA ILE A 351 2.21 -7.06 6.20
C ILE A 351 2.82 -6.08 5.23
N PHE A 352 3.71 -5.23 5.74
CA PHE A 352 4.40 -4.18 4.99
C PHE A 352 5.90 -4.52 5.03
N VAL A 353 6.46 -4.83 3.86
CA VAL A 353 7.93 -5.05 3.78
C VAL A 353 8.45 -3.67 3.36
N PRO A 354 8.95 -2.89 4.32
CA PRO A 354 9.17 -1.51 3.91
C PRO A 354 10.55 -1.33 3.24
N ALA A 355 10.86 -2.15 2.20
CA ALA A 355 12.13 -2.01 1.48
C ALA A 355 12.21 -0.88 0.43
N PHE A 356 11.97 0.37 0.83
CA PHE A 356 11.98 1.49 -0.12
C PHE A 356 13.32 1.63 -0.88
N SER A 357 14.44 1.26 -0.23
CA SER A 357 15.79 1.27 -0.82
C SER A 357 16.40 -0.15 -0.90
N GLY A 358 15.55 -1.17 -0.99
CA GLY A 358 16.02 -2.53 -1.06
C GLY A 358 16.12 -3.05 0.36
N LEU A 359 16.50 -4.32 0.50
CA LEU A 359 16.74 -4.96 1.78
C LEU A 359 18.23 -5.05 1.99
N TYR A 360 18.70 -4.57 3.12
CA TYR A 360 20.10 -4.65 3.53
C TYR A 360 20.45 -6.03 4.15
N ALA A 361 21.37 -6.07 5.11
CA ALA A 361 21.83 -7.33 5.69
C ALA A 361 20.71 -8.02 6.45
N PRO A 362 20.63 -9.37 6.41
CA PRO A 362 21.53 -10.40 5.83
C PRO A 362 21.28 -10.73 4.35
N ARG A 363 20.13 -10.32 3.83
CA ARG A 363 19.70 -10.72 2.50
C ARG A 363 20.52 -10.05 1.40
N TRP A 364 20.82 -8.76 1.58
CA TRP A 364 21.46 -7.90 0.55
C TRP A 364 20.78 -7.92 -0.81
N ARG A 365 19.59 -7.34 -0.88
CA ARG A 365 18.81 -7.32 -2.12
C ARG A 365 18.39 -5.88 -2.53
N SER A 366 19.22 -5.23 -3.38
CA SER A 366 19.00 -3.82 -3.76
C SER A 366 17.77 -3.67 -4.64
N ASP A 367 17.32 -4.81 -5.20
CA ASP A 367 16.19 -4.96 -6.12
C ASP A 367 14.77 -5.13 -5.51
N ALA A 368 14.73 -5.29 -4.19
CA ALA A 368 13.54 -5.36 -3.38
C ALA A 368 12.95 -3.97 -3.28
N ARG A 369 11.62 -3.90 -3.35
CA ARG A 369 10.86 -2.66 -3.20
C ARG A 369 9.81 -2.71 -2.06
N ALA A 370 9.24 -1.54 -1.73
CA ALA A 370 8.28 -1.50 -0.63
C ALA A 370 6.96 -2.19 -1.03
N SER A 371 6.50 -3.12 -0.19
CA SER A 371 5.39 -3.96 -0.58
C SER A 371 4.42 -4.15 0.57
N ILE A 372 3.13 -4.05 0.29
CA ILE A 372 2.09 -4.23 1.32
C ILE A 372 1.19 -5.35 0.85
N TYR A 373 0.86 -6.25 1.78
CA TYR A 373 0.16 -7.48 1.53
C TYR A 373 -0.98 -7.64 2.53
N GLY A 374 -2.03 -8.33 2.12
CA GLY A 374 -3.01 -8.82 3.07
C GLY A 374 -4.16 -7.91 3.31
N MET A 375 -4.34 -6.88 2.47
CA MET A 375 -5.40 -5.90 2.66
C MET A 375 -6.81 -6.32 2.11
N THR A 376 -7.86 -5.85 2.77
CA THR A 376 -9.27 -6.04 2.37
C THR A 376 -9.90 -4.65 2.42
N PHE A 377 -11.19 -4.53 2.14
CA PHE A 377 -11.90 -3.23 2.13
C PHE A 377 -11.96 -2.67 3.54
N ASN A 378 -11.83 -3.56 4.50
CA ASN A 378 -11.76 -3.20 5.90
C ASN A 378 -10.47 -2.55 6.43
N THR A 379 -9.34 -2.78 5.75
CA THR A 379 -8.06 -2.12 6.05
C THR A 379 -8.07 -0.55 6.11
N GLU A 380 -7.43 0.00 7.14
CA GLU A 380 -7.47 1.43 7.44
C GLU A 380 -6.08 2.01 7.60
N ARG A 381 -5.94 3.36 7.56
CA ARG A 381 -4.63 4.03 7.74
C ARG A 381 -3.87 3.37 8.90
N SER A 382 -4.58 3.19 10.03
CA SER A 382 -4.08 2.49 11.22
C SER A 382 -3.32 1.22 11.01
N HIS A 383 -3.86 0.36 10.14
CA HIS A 383 -3.33 -1.00 9.92
C HIS A 383 -2.04 -0.93 9.12
N ILE A 384 -2.02 0.02 8.18
CA ILE A 384 -0.92 0.19 7.23
C ILE A 384 0.28 0.82 7.94
N VAL A 385 -0.01 1.83 8.76
CA VAL A 385 0.97 2.55 9.60
C VAL A 385 1.58 1.59 10.61
N ARG A 386 0.76 0.82 11.33
CA ARG A 386 1.30 -0.20 12.23
C ARG A 386 2.20 -1.28 11.50
N ALA A 387 1.74 -1.80 10.37
CA ALA A 387 2.51 -2.76 9.56
C ALA A 387 3.88 -2.21 9.19
N LEU A 388 3.92 -0.97 8.74
CA LEU A 388 5.18 -0.34 8.39
C LEU A 388 6.15 -0.36 9.56
N LEU A 389 5.68 0.07 10.72
CA LEU A 389 6.45 0.08 11.97
C LEU A 389 6.91 -1.29 12.40
N GLU A 390 6.00 -2.26 12.29
CA GLU A 390 6.38 -3.65 12.54
C GLU A 390 7.45 -4.12 11.56
N GLY A 391 7.34 -3.76 10.26
CA GLY A 391 8.33 -4.11 9.23
C GLY A 391 9.74 -3.62 9.52
N ILE A 392 9.83 -2.49 10.23
CA ILE A 392 11.12 -1.97 10.70
C ILE A 392 11.74 -2.89 11.75
N ALA A 393 10.92 -3.44 12.64
CA ALA A 393 11.33 -4.30 13.75
C ALA A 393 11.77 -5.64 13.24
N PHE A 394 10.98 -6.21 12.34
CA PHE A 394 11.40 -7.41 11.65
C PHE A 394 12.76 -7.34 10.93
N GLN A 395 13.00 -6.28 10.15
CA GLN A 395 14.32 -6.09 9.53
C GLN A 395 15.38 -6.11 10.58
N LEU A 396 15.18 -5.32 11.66
CA LEU A 396 16.14 -5.24 12.78
C LEU A 396 16.37 -6.57 13.44
N ASN A 397 15.31 -7.34 13.62
CA ASN A 397 15.44 -8.68 14.20
C ASN A 397 16.34 -9.60 13.36
N GLU A 398 16.24 -9.51 12.03
CA GLU A 398 17.08 -10.29 11.14
C GLU A 398 18.53 -9.97 11.32
N ILE A 399 18.84 -8.71 11.57
CA ILE A 399 20.22 -8.31 11.84
C ILE A 399 20.72 -8.82 13.17
N VAL A 400 19.92 -8.65 14.23
CA VAL A 400 20.27 -9.20 15.54
C VAL A 400 20.40 -10.69 15.50
N ASP A 401 19.51 -11.38 14.80
CA ASP A 401 19.59 -12.83 14.73
C ASP A 401 20.79 -13.29 13.91
N SER A 402 21.26 -12.44 12.99
CA SER A 402 22.49 -12.72 12.25
C SER A 402 23.71 -12.50 13.12
N LEU A 403 23.79 -11.35 13.77
CA LEU A 403 24.98 -11.03 14.50
C LEU A 403 25.16 -11.97 15.71
N THR A 404 24.08 -12.18 16.49
CA THR A 404 24.05 -13.20 17.59
C THR A 404 24.40 -14.64 17.14
N SER A 405 23.96 -15.09 15.96
CA SER A 405 24.42 -16.36 15.41
C SER A 405 25.95 -16.37 15.16
N ASP A 406 26.52 -15.31 14.58
CA ASP A 406 27.96 -15.27 14.35
C ASP A 406 28.75 -15.21 15.67
N MET A 407 28.16 -14.60 16.70
CA MET A 407 28.86 -14.44 18.00
C MET A 407 28.81 -15.72 18.85
N GLY A 408 27.90 -16.63 18.53
CA GLY A 408 27.78 -17.89 19.22
C GLY A 408 26.97 -17.76 20.49
N ILE A 409 26.23 -16.65 20.61
CA ILE A 409 25.32 -16.44 21.76
C ILE A 409 23.86 -16.60 21.36
N GLU A 410 22.97 -16.64 22.35
CA GLU A 410 21.55 -16.93 22.09
C GLU A 410 20.65 -15.72 22.22
N MET A 411 21.11 -14.68 22.90
CA MET A 411 20.27 -13.58 23.30
C MET A 411 21.15 -12.38 23.71
N LEU A 412 20.63 -11.16 23.46
CA LEU A 412 21.25 -9.93 23.92
C LEU A 412 21.03 -9.71 25.40
N HIS A 413 22.09 -9.26 26.09
CA HIS A 413 22.00 -8.85 27.50
C HIS A 413 21.00 -7.72 27.59
N VAL A 414 21.25 -6.69 26.77
CA VAL A 414 20.36 -5.54 26.71
C VAL A 414 20.47 -4.87 25.33
N LEU A 415 19.44 -4.09 25.00
CA LEU A 415 19.50 -3.18 23.87
C LEU A 415 19.12 -1.81 24.38
N ARG A 416 20.13 -0.94 24.47
CA ARG A 416 19.99 0.43 24.91
C ARG A 416 19.64 1.27 23.69
N CYS A 417 18.60 2.09 23.78
CA CYS A 417 18.00 2.70 22.60
C CYS A 417 17.88 4.20 22.73
N ASP A 418 18.10 4.88 21.61
CA ASP A 418 17.90 6.29 21.56
C ASP A 418 17.29 6.67 20.19
N GLY A 419 17.06 7.97 19.99
CA GLY A 419 16.41 8.51 18.81
C GLY A 419 14.93 8.68 19.02
N GLY A 420 14.32 9.42 18.10
CA GLY A 420 12.96 9.89 18.23
C GLY A 420 11.88 8.86 18.16
N MET A 421 12.13 7.74 17.48
CA MET A 421 11.16 6.63 17.45
C MET A 421 10.97 5.99 18.84
N THR A 422 11.93 6.22 19.75
CA THR A 422 11.89 5.69 21.13
C THR A 422 10.85 6.36 22.06
N LYS A 423 10.26 7.46 21.60
CA LYS A 423 9.11 8.11 22.24
C LYS A 423 7.82 7.32 22.03
N ASN A 424 7.80 6.47 21.01
CA ASN A 424 6.73 5.56 20.76
C ASN A 424 6.89 4.31 21.63
N LYS A 425 6.15 4.20 22.73
CA LYS A 425 6.33 3.06 23.64
C LYS A 425 5.68 1.75 23.14
N PRO A 426 4.48 1.84 22.57
CA PRO A 426 3.95 0.65 21.91
C PRO A 426 4.95 0.00 20.91
N PHE A 427 5.61 0.86 20.09
CA PHE A 427 6.65 0.43 19.13
C PHE A 427 7.94 -0.15 19.78
N MET A 428 8.41 0.46 20.87
CA MET A 428 9.51 -0.08 21.66
C MET A 428 9.21 -1.44 22.17
N GLN A 429 7.98 -1.58 22.69
CA GLN A 429 7.48 -2.86 23.19
C GLN A 429 7.43 -3.98 22.15
N PHE A 430 6.92 -3.67 20.94
CA PHE A 430 6.95 -4.61 19.82
C PHE A 430 8.37 -5.05 19.43
N ASN A 431 9.33 -4.12 19.46
CA ASN A 431 10.73 -4.51 19.18
C ASN A 431 11.27 -5.49 20.21
N SER A 432 10.96 -5.21 21.47
CA SER A 432 11.31 -6.09 22.59
C SER A 432 10.74 -7.51 22.44
N ASP A 433 9.46 -7.57 22.12
CA ASP A 433 8.79 -8.83 21.79
C ASP A 433 9.47 -9.63 20.67
N ILE A 434 9.61 -9.02 19.47
CA ILE A 434 10.07 -9.76 18.28
C ILE A 434 11.57 -10.09 18.36
N ILE A 435 12.35 -9.16 18.89
CA ILE A 435 13.80 -9.42 18.97
C ILE A 435 14.11 -10.35 20.17
N ASN A 436 13.25 -10.32 21.19
CA ASN A 436 13.45 -11.01 22.45
C ASN A 436 14.60 -10.37 23.17
N THR A 437 14.38 -9.18 23.66
CA THR A 437 15.43 -8.48 24.35
C THR A 437 14.85 -7.46 25.27
N LYS A 438 15.55 -7.25 26.37
CA LYS A 438 15.30 -6.16 27.24
C LYS A 438 15.77 -4.95 26.48
N ILE A 439 14.90 -3.95 26.48
CA ILE A 439 15.13 -2.65 25.88
C ILE A 439 15.07 -1.62 26.98
N GLU A 440 16.11 -0.78 27.04
CA GLU A 440 16.21 0.35 27.94
C GLU A 440 16.41 1.57 27.07
N VAL A 441 15.70 2.65 27.40
CA VAL A 441 15.84 3.97 26.79
C VAL A 441 16.56 4.81 27.84
N SER A 442 17.77 5.27 27.49
CA SER A 442 18.62 6.06 28.38
C SER A 442 17.93 7.36 28.89
N LYS A 443 18.33 7.79 30.09
CA LYS A 443 17.92 9.09 30.65
C LYS A 443 18.44 10.31 29.85
N TYR A 444 19.51 10.13 29.09
CA TYR A 444 20.16 11.23 28.38
C TYR A 444 19.87 11.19 26.90
N LYS A 445 19.52 12.35 26.33
CA LYS A 445 19.53 12.51 24.87
C LYS A 445 20.95 12.42 24.32
N GLU A 446 21.86 13.18 24.93
CA GLU A 446 23.15 13.52 24.35
C GLU A 446 24.25 12.53 24.70
N VAL A 447 24.00 11.26 24.37
CA VAL A 447 24.92 10.17 24.71
C VAL A 447 26.27 10.23 23.98
N THR A 448 26.26 10.94 22.84
CA THR A 448 27.43 11.11 21.97
C THR A 448 28.47 12.03 22.55
N SER A 449 28.09 13.26 22.94
CA SER A 449 28.98 14.11 23.70
C SER A 449 29.30 13.54 25.08
N LEU A 450 28.40 12.75 25.64
CA LEU A 450 28.57 12.18 26.99
C LEU A 450 29.74 11.26 27.05
N GLY A 451 29.81 10.31 26.11
CA GLY A 451 30.96 9.42 26.02
C GLY A 451 32.35 10.06 25.90
N ALA A 452 32.48 11.16 25.17
CA ALA A 452 33.77 11.90 25.06
C ALA A 452 34.18 12.62 26.36
N ALA A 453 33.22 13.17 27.08
CA ALA A 453 33.42 13.73 28.41
C ALA A 453 33.92 12.66 29.37
N VAL A 454 33.37 11.44 29.26
CA VAL A 454 33.67 10.38 30.19
C VAL A 454 35.10 9.97 29.97
N LEU A 455 35.46 9.75 28.71
CA LEU A 455 36.83 9.38 28.32
C LEU A 455 37.86 10.41 28.72
N ALA A 456 37.58 11.68 28.45
CA ALA A 456 38.47 12.76 28.86
C ALA A 456 38.64 12.85 30.41
N GLY A 457 37.56 12.63 31.14
CA GLY A 457 37.58 12.69 32.60
C GLY A 457 38.31 11.50 33.19
N LEU A 458 38.09 10.30 32.67
CA LEU A 458 38.88 9.16 33.13
C LEU A 458 40.42 9.35 32.97
N GLU A 459 40.85 9.92 31.84
CA GLU A 459 42.26 10.12 31.55
C GLU A 459 42.97 11.02 32.56
N VAL A 460 42.29 12.06 33.04
CA VAL A 460 42.83 12.94 34.06
C VAL A 460 42.35 12.54 35.46
N LYS A 461 41.80 11.33 35.59
CA LYS A 461 41.41 10.82 36.89
C LYS A 461 40.35 11.69 37.61
N ILE A 462 39.41 12.27 36.87
CA ILE A 462 38.37 13.06 37.53
C ILE A 462 37.56 12.13 38.42
N TRP A 463 37.25 10.94 37.92
CA TRP A 463 36.64 9.93 38.75
C TRP A 463 37.65 8.82 38.95
N ASP A 464 37.46 8.16 40.09
CA ASP A 464 38.36 7.21 40.74
C ASP A 464 38.40 5.77 40.16
N SER A 465 37.76 5.53 39.01
CA SER A 465 37.37 4.19 38.49
C SER A 465 36.16 4.30 37.54
N LEU A 466 36.10 3.42 36.55
CA LEU A 466 35.00 3.40 35.59
C LEU A 466 33.64 3.13 36.25
N ASP A 467 33.66 2.25 37.27
CA ASP A 467 32.49 1.88 38.10
C ASP A 467 31.82 3.06 38.77
N SER A 468 32.61 4.07 39.11
CA SER A 468 32.07 5.30 39.66
C SER A 468 31.07 5.91 38.66
N VAL A 469 31.50 6.04 37.39
CA VAL A 469 30.63 6.57 36.32
C VAL A 469 29.55 5.57 35.88
N LYS A 470 29.88 4.28 35.86
CA LYS A 470 28.96 3.26 35.33
C LYS A 470 27.48 3.47 35.75
N SER A 471 27.24 3.64 37.05
CA SER A 471 25.87 3.65 37.61
C SER A 471 25.13 4.94 37.26
N LEU A 472 25.91 6.03 37.19
CA LEU A 472 25.44 7.30 36.60
C LEU A 472 24.99 7.08 35.14
N LEU A 473 25.88 6.56 34.29
CA LEU A 473 25.56 6.30 32.86
C LEU A 473 24.35 5.34 32.59
N ARG A 474 24.16 4.29 33.41
CA ARG A 474 23.10 3.30 33.17
C ARG A 474 21.61 3.72 33.47
N ARG A 475 21.41 4.91 34.05
CA ARG A 475 20.08 5.47 34.24
C ARG A 475 19.21 5.40 32.97
N SER A 476 18.10 4.67 33.11
CA SER A 476 17.08 4.53 32.08
C SER A 476 15.80 5.24 32.45
N ASP A 477 15.07 5.60 31.42
CA ASP A 477 13.96 6.51 31.44
C ASP A 477 12.65 5.78 31.10
N ALA A 478 12.82 4.55 30.55
CA ALA A 478 11.77 3.59 30.20
C ALA A 478 12.43 2.24 30.00
N VAL A 479 11.80 1.18 30.45
CA VAL A 479 12.38 -0.19 30.36
C VAL A 479 11.31 -1.12 29.82
N PHE A 480 11.72 -2.09 28.99
CA PHE A 480 10.83 -3.02 28.25
C PHE A 480 11.37 -4.43 28.33
N HIS A 481 10.46 -5.38 28.56
CA HIS A 481 10.79 -6.80 28.64
C HIS A 481 9.83 -7.45 27.72
N SER A 482 10.20 -8.61 27.20
CA SER A 482 9.40 -9.26 26.21
C SER A 482 8.13 -9.86 26.82
N LYS A 483 6.98 -9.53 26.23
CA LYS A 483 5.67 -10.04 26.61
C LYS A 483 5.10 -11.04 25.61
N MET A 484 5.93 -11.58 24.71
CA MET A 484 5.48 -12.49 23.66
C MET A 484 6.09 -13.87 23.84
N ASP A 485 5.27 -14.90 23.70
CA ASP A 485 5.70 -16.28 23.85
C ASP A 485 6.44 -16.68 22.58
N ASP A 486 7.40 -17.58 22.69
CA ASP A 486 8.19 -18.02 21.55
C ASP A 486 7.40 -18.64 20.42
N LYS A 487 6.29 -19.29 20.70
CA LYS A 487 5.44 -19.84 19.61
C LYS A 487 4.81 -18.74 18.69
N LYS A 488 4.38 -17.65 19.31
CA LYS A 488 3.84 -16.52 18.59
C LYS A 488 4.95 -15.73 17.86
N ARG A 489 6.15 -15.68 18.45
CA ARG A 489 7.27 -15.04 17.79
C ARG A 489 7.61 -15.83 16.53
N LYS A 490 7.64 -17.15 16.67
CA LYS A 490 7.97 -18.02 15.54
C LYS A 490 6.94 -17.88 14.43
N LYS A 491 5.69 -17.66 14.81
CA LYS A 491 4.59 -17.63 13.88
C LYS A 491 4.61 -16.33 13.07
N LYS A 492 4.72 -15.21 13.78
CA LYS A 492 4.89 -13.90 13.17
C LYS A 492 6.15 -13.81 12.31
N THR A 493 7.33 -14.16 12.83
CA THR A 493 8.53 -13.94 12.00
C THR A 493 8.54 -14.82 10.76
N SER A 494 7.83 -15.93 10.79
CA SER A 494 7.68 -16.79 9.62
C SER A 494 6.66 -16.22 8.61
N GLU A 495 5.55 -15.64 9.08
CA GLU A 495 4.68 -14.82 8.22
C GLU A 495 5.43 -13.64 7.53
N TRP A 496 6.37 -13.02 8.27
CA TRP A 496 7.29 -12.00 7.76
C TRP A 496 8.20 -12.54 6.65
N ASN A 497 8.89 -13.64 6.96
CA ASN A 497 9.72 -14.39 6.01
C ASN A 497 9.02 -14.76 4.72
N LYS A 498 7.74 -15.11 4.78
CA LYS A 498 6.97 -15.43 3.60
C LYS A 498 6.71 -14.19 2.75
N ALA A 499 6.51 -13.07 3.44
CA ALA A 499 6.17 -11.85 2.80
C ALA A 499 7.42 -11.30 2.13
N VAL A 500 8.59 -11.61 2.69
CA VAL A 500 9.86 -11.20 2.11
C VAL A 500 10.18 -12.08 0.90
N GLU A 501 9.72 -13.31 0.96
CA GLU A 501 9.83 -14.23 -0.15
C GLU A 501 9.06 -13.80 -1.39
N ARG A 502 7.80 -13.36 -1.20
CA ARG A 502 6.95 -12.88 -2.28
C ARG A 502 7.58 -11.68 -2.94
N THR A 503 8.15 -10.83 -2.10
CA THR A 503 8.84 -9.60 -2.44
C THR A 503 10.09 -9.86 -3.29
N LEU A 504 10.79 -10.96 -3.02
CA LEU A 504 12.06 -11.29 -3.67
C LEU A 504 12.02 -12.37 -4.75
N ILE A 505 11.03 -13.27 -4.77
CA ILE A 505 10.97 -14.39 -5.74
C ILE A 505 11.12 -13.85 -7.17
N GLN A 506 11.91 -14.55 -8.00
CA GLN A 506 12.25 -14.05 -9.36
C GLN A 506 11.35 -14.68 -10.40
N LEU A 507 10.70 -13.83 -11.20
CA LEU A 507 9.62 -14.32 -12.08
C LEU A 507 9.73 -13.78 -13.51
N ILE B 1 -55.97 25.00 -16.18
CA ILE B 1 -54.54 24.77 -15.82
C ILE B 1 -53.72 24.21 -17.01
N SER B 2 -54.31 23.33 -17.83
CA SER B 2 -53.49 22.35 -18.53
C SER B 2 -53.51 22.40 -20.06
N GLU B 3 -52.57 23.16 -20.63
CA GLU B 3 -52.78 23.80 -21.94
C GLU B 3 -51.72 23.64 -23.01
N PHE B 4 -50.77 22.76 -22.77
CA PHE B 4 -49.67 22.60 -23.67
C PHE B 4 -49.89 21.50 -24.68
N GLY B 5 -51.16 21.19 -24.97
CA GLY B 5 -51.48 20.34 -26.11
C GLY B 5 -51.36 18.85 -25.88
N SER B 6 -51.21 18.14 -27.00
CA SER B 6 -51.12 16.68 -27.06
C SER B 6 -49.72 16.13 -26.65
N MET B 7 -49.74 14.96 -25.98
CA MET B 7 -48.54 14.24 -25.49
C MET B 7 -48.75 12.71 -25.47
N ASN B 8 -48.15 12.01 -26.43
CA ASN B 8 -48.06 10.55 -26.39
C ASN B 8 -46.83 10.00 -25.66
N VAL B 9 -47.07 9.19 -24.62
CA VAL B 9 -45.96 8.68 -23.84
C VAL B 9 -45.94 7.15 -23.65
N ILE B 10 -44.73 6.65 -23.44
CA ILE B 10 -44.45 5.31 -22.99
C ILE B 10 -44.05 5.35 -21.52
N LEU B 11 -44.81 4.61 -20.68
CA LEU B 11 -44.36 4.38 -19.27
C LEU B 11 -43.27 3.28 -19.19
N SER B 12 -42.12 3.61 -18.61
CA SER B 12 -41.12 2.63 -18.28
C SER B 12 -40.93 2.58 -16.75
N ILE B 13 -41.30 1.44 -16.16
CA ILE B 13 -41.03 1.12 -14.75
C ILE B 13 -39.67 0.39 -14.56
N ASP B 14 -38.80 0.97 -13.76
CA ASP B 14 -37.54 0.37 -13.35
C ASP B 14 -37.62 0.09 -11.82
N GLN B 15 -38.00 -1.15 -11.48
CA GLN B 15 -38.03 -1.58 -10.07
C GLN B 15 -36.65 -2.06 -9.70
N SER B 16 -35.88 -1.18 -9.07
CA SER B 16 -34.48 -1.41 -8.75
C SER B 16 -34.30 -2.07 -7.36
N THR B 17 -33.05 -2.40 -7.00
CA THR B 17 -32.70 -2.89 -5.68
C THR B 17 -33.08 -1.85 -4.62
N GLN B 18 -32.67 -0.62 -4.88
CA GLN B 18 -32.60 0.41 -3.87
C GLN B 18 -33.91 1.13 -3.84
N SER B 19 -34.48 1.35 -5.03
CA SER B 19 -35.74 2.13 -5.19
C SER B 19 -36.56 1.71 -6.40
N THR B 20 -37.72 2.38 -6.56
CA THR B 20 -38.62 2.19 -7.69
C THR B 20 -38.72 3.49 -8.47
N LYS B 21 -38.40 3.41 -9.77
CA LYS B 21 -38.43 4.57 -10.68
C LYS B 21 -39.53 4.48 -11.75
N VAL B 22 -40.15 5.63 -12.05
CA VAL B 22 -41.03 5.74 -13.22
C VAL B 22 -40.51 6.79 -14.21
N PHE B 23 -40.42 6.38 -15.49
CA PHE B 23 -40.00 7.25 -16.61
C PHE B 23 -41.13 7.38 -17.64
N PHE B 24 -41.52 8.62 -17.95
CA PHE B 24 -42.48 8.88 -19.01
C PHE B 24 -41.72 9.36 -20.23
N TYR B 25 -41.50 8.48 -21.20
CA TYR B 25 -40.80 8.83 -22.42
C TYR B 25 -41.75 9.28 -23.53
N ASP B 26 -41.41 10.31 -24.33
CA ASP B 26 -42.22 10.52 -25.53
C ASP B 26 -41.75 9.55 -26.64
N GLU B 27 -42.26 9.70 -27.86
CA GLU B 27 -41.91 8.71 -28.88
C GLU B 27 -40.64 9.06 -29.64
N GLU B 28 -40.02 10.15 -29.20
CA GLU B 28 -38.67 10.56 -29.60
C GLU B 28 -37.67 10.09 -28.53
N LEU B 29 -38.20 9.49 -27.46
CA LEU B 29 -37.41 8.95 -26.34
C LEU B 29 -36.73 10.03 -25.52
N ASN B 30 -37.41 11.18 -25.37
CA ASN B 30 -37.05 12.13 -24.35
C ASN B 30 -37.79 11.82 -23.05
N ILE B 31 -37.16 12.06 -21.93
CA ILE B 31 -37.86 11.90 -20.66
C ILE B 31 -38.74 13.14 -20.44
N VAL B 32 -40.05 12.99 -20.67
CA VAL B 32 -40.94 14.10 -20.37
C VAL B 32 -41.15 14.27 -18.84
N HIS B 33 -41.16 13.17 -18.06
CA HIS B 33 -41.24 13.22 -16.59
C HIS B 33 -40.66 11.95 -15.96
N SER B 34 -39.97 12.10 -14.81
CA SER B 34 -39.61 10.95 -13.94
C SER B 34 -39.68 11.22 -12.45
N ASN B 35 -39.86 10.16 -11.65
CA ASN B 35 -39.82 10.27 -10.19
C ASN B 35 -39.41 8.96 -9.56
N ASN B 36 -39.09 8.97 -8.28
CA ASN B 36 -38.76 7.71 -7.63
C ASN B 36 -38.93 7.74 -6.14
N LEU B 37 -38.86 6.54 -5.54
CA LEU B 37 -39.10 6.29 -4.12
C LEU B 37 -38.34 5.07 -3.63
N ASN B 38 -37.42 5.32 -2.69
CA ASN B 38 -36.76 4.26 -1.92
C ASN B 38 -37.76 3.31 -1.24
N HIS B 39 -37.32 2.08 -0.96
CA HIS B 39 -38.05 1.09 -0.13
C HIS B 39 -37.00 0.53 0.80
N GLU B 40 -37.39 -0.08 1.92
CA GLU B 40 -36.40 -0.40 2.95
C GLU B 40 -35.55 -1.62 2.59
N GLN B 41 -34.23 -1.48 2.75
CA GLN B 41 -33.28 -2.57 2.53
C GLN B 41 -33.12 -3.35 3.85
N LYS B 42 -33.88 -4.44 4.03
CA LYS B 42 -33.94 -5.14 5.33
C LYS B 42 -32.87 -6.20 5.48
N CYS B 43 -31.81 -5.90 6.24
CA CYS B 43 -30.75 -6.84 6.59
C CYS B 43 -30.82 -7.35 8.07
N LEU B 44 -31.82 -8.20 8.37
CA LEU B 44 -32.02 -8.80 9.71
C LEU B 44 -30.71 -9.18 10.44
N LYS B 45 -30.26 -10.43 10.22
CA LYS B 45 -28.96 -10.86 10.74
C LYS B 45 -27.97 -10.79 9.60
N PRO B 46 -26.69 -11.11 9.86
CA PRO B 46 -25.73 -10.99 8.76
C PRO B 46 -26.05 -11.94 7.59
N GLY B 47 -25.74 -11.50 6.36
CA GLY B 47 -25.96 -12.32 5.16
C GLY B 47 -27.38 -12.35 4.60
N TRP B 48 -28.35 -11.87 5.39
CA TRP B 48 -29.78 -11.77 5.03
C TRP B 48 -30.05 -10.38 4.42
N TYR B 49 -31.05 -10.30 3.53
CA TYR B 49 -31.36 -9.10 2.67
C TYR B 49 -32.71 -9.30 2.03
N GLU B 50 -33.69 -8.52 2.46
CA GLU B 50 -35.09 -8.72 2.10
C GLU B 50 -35.78 -7.38 1.73
N HIS B 51 -36.92 -7.48 1.03
CA HIS B 51 -37.77 -6.33 0.67
C HIS B 51 -39.21 -6.63 1.01
N ASP B 52 -40.00 -5.61 1.29
CA ASP B 52 -41.42 -5.82 1.52
C ASP B 52 -42.14 -5.71 0.18
N PRO B 53 -42.66 -6.84 -0.35
CA PRO B 53 -43.22 -6.81 -1.70
C PRO B 53 -44.35 -5.81 -1.83
N ILE B 54 -45.05 -5.54 -0.72
CA ILE B 54 -46.21 -4.64 -0.76
C ILE B 54 -45.73 -3.20 -0.78
N GLU B 55 -44.66 -2.90 -0.03
CA GLU B 55 -44.11 -1.56 0.01
C GLU B 55 -43.71 -1.12 -1.41
N ILE B 56 -42.90 -1.95 -2.08
CA ILE B 56 -42.57 -1.81 -3.50
C ILE B 56 -43.82 -1.56 -4.36
N MET B 57 -44.84 -2.43 -4.26
CA MET B 57 -46.06 -2.27 -5.05
C MET B 57 -46.75 -0.94 -4.80
N THR B 58 -46.80 -0.56 -3.53
CA THR B 58 -47.47 0.69 -3.07
C THR B 58 -46.71 1.96 -3.45
N ASN B 59 -45.38 1.95 -3.33
CA ASN B 59 -44.47 2.93 -4.01
C ASN B 59 -44.76 3.08 -5.54
N LEU B 60 -44.72 1.98 -6.29
CA LEU B 60 -45.13 1.96 -7.70
C LEU B 60 -46.49 2.66 -8.03
N TYR B 61 -47.57 2.28 -7.37
CA TYR B 61 -48.87 2.97 -7.52
C TYR B 61 -48.78 4.47 -7.19
N ASN B 62 -48.08 4.81 -6.13
CA ASN B 62 -47.91 6.21 -5.82
C ASN B 62 -47.22 7.03 -6.93
N LEU B 63 -46.11 6.52 -7.45
CA LEU B 63 -45.37 7.16 -8.54
C LEU B 63 -46.21 7.27 -9.84
N MET B 64 -46.94 6.18 -10.16
CA MET B 64 -47.75 6.12 -11.35
C MET B 64 -48.82 7.19 -11.29
N ASN B 65 -49.42 7.36 -10.10
CA ASN B 65 -50.55 8.31 -9.97
C ASN B 65 -50.12 9.77 -9.93
N GLU B 66 -49.00 10.06 -9.26
CA GLU B 66 -48.45 11.42 -9.23
C GLU B 66 -47.85 11.87 -10.59
N GLY B 67 -47.18 10.96 -11.30
CA GLY B 67 -46.66 11.26 -12.63
C GLY B 67 -47.73 11.67 -13.63
N ILE B 68 -48.84 10.96 -13.66
CA ILE B 68 -49.89 11.24 -14.59
C ILE B 68 -50.63 12.53 -14.26
N LYS B 69 -50.84 12.81 -12.97
CA LYS B 69 -51.38 14.10 -12.56
C LYS B 69 -50.52 15.29 -13.04
N VAL B 70 -49.21 15.19 -12.85
CA VAL B 70 -48.22 16.17 -13.27
C VAL B 70 -48.32 16.36 -14.77
N LEU B 71 -48.30 15.28 -15.53
CA LEU B 71 -48.43 15.37 -16.99
C LEU B 71 -49.75 16.01 -17.36
N LYS B 72 -50.84 15.56 -16.75
CA LYS B 72 -52.19 16.07 -17.08
C LYS B 72 -52.42 17.51 -16.64
N ASP B 73 -51.64 18.00 -15.69
CA ASP B 73 -51.70 19.40 -15.28
C ASP B 73 -50.92 20.33 -16.23
N LYS B 74 -50.11 19.76 -17.12
CA LYS B 74 -49.30 20.52 -18.08
C LYS B 74 -49.95 20.43 -19.48
N TYR B 75 -50.23 19.22 -19.93
CA TYR B 75 -50.76 18.95 -21.26
C TYR B 75 -52.30 18.90 -21.37
N THR B 76 -52.79 19.03 -22.61
CA THR B 76 -54.22 19.06 -22.91
C THR B 76 -54.78 17.66 -23.20
N SER B 77 -54.01 16.83 -23.90
CA SER B 77 -54.38 15.45 -24.23
C SER B 77 -53.20 14.52 -23.94
N VAL B 78 -53.17 13.96 -22.73
CA VAL B 78 -52.14 13.00 -22.30
C VAL B 78 -52.53 11.57 -22.71
N ILE B 79 -51.72 10.92 -23.56
CA ILE B 79 -51.97 9.50 -23.87
C ILE B 79 -50.80 8.60 -23.51
N ILE B 80 -51.02 7.71 -22.52
CA ILE B 80 -50.03 6.68 -22.18
C ILE B 80 -50.36 5.47 -23.01
N LYS B 81 -49.59 5.24 -24.06
CA LYS B 81 -49.87 4.25 -25.06
C LYS B 81 -49.55 2.82 -24.65
N CYS B 82 -48.47 2.64 -23.87
CA CYS B 82 -48.06 1.30 -23.43
C CYS B 82 -47.15 1.38 -22.21
N ILE B 83 -46.91 0.22 -21.57
CA ILE B 83 -46.03 0.09 -20.38
C ILE B 83 -44.92 -0.95 -20.52
N GLY B 84 -43.68 -0.56 -20.23
CA GLY B 84 -42.51 -1.46 -20.25
C GLY B 84 -42.04 -1.66 -18.81
N ILE B 85 -41.78 -2.91 -18.45
CA ILE B 85 -41.24 -3.25 -17.12
C ILE B 85 -39.79 -3.82 -17.16
N THR B 86 -38.92 -3.20 -16.36
CA THR B 86 -37.62 -3.76 -16.07
C THR B 86 -37.44 -3.76 -14.53
N ASN B 87 -36.43 -4.48 -14.06
CA ASN B 87 -36.42 -4.97 -12.65
C ASN B 87 -35.13 -5.65 -12.26
N GLN B 88 -34.74 -5.40 -11.01
CA GLN B 88 -33.76 -6.21 -10.24
C GLN B 88 -34.12 -7.69 -10.45
N ARG B 89 -33.15 -8.43 -10.99
CA ARG B 89 -33.33 -9.85 -11.31
C ARG B 89 -33.08 -10.75 -10.09
N GLU B 90 -33.36 -12.05 -10.23
CA GLU B 90 -32.96 -13.08 -9.25
C GLU B 90 -33.75 -13.01 -7.92
N THR B 91 -33.86 -11.82 -7.32
CA THR B 91 -34.82 -11.53 -6.25
C THR B 91 -36.15 -12.25 -6.47
N VAL B 92 -36.60 -12.96 -5.41
CA VAL B 92 -37.75 -13.87 -5.55
C VAL B 92 -38.85 -13.65 -4.51
N ILE B 93 -40.10 -13.78 -4.93
CA ILE B 93 -41.22 -13.79 -4.02
C ILE B 93 -42.06 -15.02 -4.28
N ILE B 94 -42.60 -15.58 -3.19
CA ILE B 94 -43.63 -16.61 -3.28
C ILE B 94 -44.89 -16.04 -2.68
N TRP B 95 -46.00 -16.17 -3.40
CA TRP B 95 -47.28 -15.66 -2.90
C TRP B 95 -48.47 -16.58 -3.14
N ASP B 96 -49.63 -16.15 -2.64
CA ASP B 96 -50.87 -16.84 -2.84
C ASP B 96 -51.57 -16.44 -4.13
N ARG B 97 -51.73 -17.43 -5.00
CA ARG B 97 -52.34 -17.21 -6.31
C ARG B 97 -53.70 -16.50 -6.33
N ILE B 98 -54.50 -16.63 -5.26
CA ILE B 98 -55.88 -16.08 -5.28
C ILE B 98 -56.09 -14.80 -4.47
N THR B 99 -55.38 -14.64 -3.36
CA THR B 99 -55.40 -13.40 -2.56
C THR B 99 -54.22 -12.44 -2.89
N GLY B 100 -53.18 -12.98 -3.51
CA GLY B 100 -51.98 -12.23 -3.78
C GLY B 100 -51.15 -11.88 -2.55
N LYS B 101 -51.49 -12.44 -1.37
CA LYS B 101 -50.65 -12.22 -0.17
C LYS B 101 -49.33 -12.91 -0.40
N PRO B 102 -48.21 -12.20 -0.16
CA PRO B 102 -46.92 -12.89 0.00
C PRO B 102 -46.89 -13.84 1.21
N LEU B 103 -46.40 -15.05 0.98
CA LEU B 103 -46.17 -16.02 2.05
C LEU B 103 -44.83 -15.72 2.75
N TYR B 104 -44.09 -14.76 2.20
CA TYR B 104 -42.81 -14.30 2.79
C TYR B 104 -42.33 -13.12 1.96
N ASN B 105 -41.54 -12.26 2.59
CA ASN B 105 -40.83 -11.20 1.91
C ASN B 105 -40.10 -11.66 0.68
N ALA B 106 -39.74 -10.69 -0.16
CA ALA B 106 -38.84 -10.95 -1.27
C ALA B 106 -37.47 -11.24 -0.66
N ILE B 107 -36.73 -12.19 -1.23
CA ILE B 107 -35.36 -12.45 -0.81
C ILE B 107 -34.45 -11.93 -1.93
N VAL B 108 -33.75 -10.86 -1.62
CA VAL B 108 -32.98 -10.11 -2.59
C VAL B 108 -31.82 -10.93 -3.15
N TRP B 109 -31.48 -10.75 -4.43
CA TRP B 109 -30.32 -11.42 -5.05
C TRP B 109 -29.03 -11.32 -4.23
N LEU B 110 -28.91 -10.22 -3.48
CA LEU B 110 -27.73 -9.95 -2.66
C LEU B 110 -27.60 -10.85 -1.40
N ASP B 111 -28.75 -11.41 -0.93
CA ASP B 111 -28.88 -12.39 0.16
C ASP B 111 -27.96 -13.63 0.01
N THR B 112 -27.29 -14.01 1.10
CA THR B 112 -26.40 -15.19 1.12
C THR B 112 -26.75 -16.25 2.20
N ARG B 113 -27.96 -16.23 2.76
CA ARG B 113 -28.29 -17.27 3.77
C ARG B 113 -28.16 -18.68 3.19
N VAL B 114 -28.15 -18.80 1.86
CA VAL B 114 -28.14 -20.10 1.16
C VAL B 114 -26.73 -20.63 0.85
N GLU B 115 -25.72 -19.97 1.41
CA GLU B 115 -24.34 -20.35 1.15
C GLU B 115 -23.98 -21.81 1.50
N GLU B 116 -24.50 -22.34 2.62
CA GLU B 116 -24.15 -23.71 3.04
C GLU B 116 -24.77 -24.70 2.05
N LEU B 117 -26.03 -24.47 1.68
CA LEU B 117 -26.68 -25.29 0.67
C LEU B 117 -25.92 -25.34 -0.68
N VAL B 118 -25.42 -24.20 -1.14
CA VAL B 118 -24.71 -24.17 -2.41
C VAL B 118 -23.49 -25.08 -2.28
N THR B 119 -22.76 -24.97 -1.16
CA THR B 119 -21.58 -25.80 -0.88
C THR B 119 -21.92 -27.28 -0.89
N GLU B 120 -23.00 -27.64 -0.17
CA GLU B 120 -23.52 -29.00 -0.14
C GLU B 120 -23.88 -29.52 -1.52
N PHE B 121 -24.85 -28.84 -2.17
CA PHE B 121 -25.30 -29.20 -3.52
C PHE B 121 -24.12 -29.27 -4.50
N SER B 122 -23.13 -28.39 -4.33
CA SER B 122 -21.93 -28.39 -5.18
C SER B 122 -20.96 -29.58 -4.94
N ALA B 123 -20.99 -30.12 -3.72
CA ALA B 123 -20.20 -31.31 -3.36
C ALA B 123 -20.84 -32.58 -3.96
N LYS B 124 -22.15 -32.48 -4.21
CA LYS B 124 -22.99 -33.63 -4.62
C LYS B 124 -23.18 -33.73 -6.14
N TYR B 125 -23.40 -32.60 -6.81
CA TYR B 125 -23.70 -32.61 -8.24
C TYR B 125 -22.51 -32.27 -9.11
N ASN B 126 -22.50 -32.81 -10.34
CA ASN B 126 -21.61 -32.34 -11.39
C ASN B 126 -22.03 -30.92 -11.78
N ASN B 127 -21.29 -29.93 -11.28
CA ASN B 127 -21.52 -28.49 -11.57
C ASN B 127 -21.38 -28.19 -13.06
N ASN B 128 -20.65 -29.09 -13.72
CA ASN B 128 -20.47 -29.12 -15.14
C ASN B 128 -21.72 -29.43 -15.99
N ASP B 129 -22.57 -30.30 -15.46
CA ASP B 129 -23.85 -30.64 -16.06
C ASP B 129 -24.85 -29.54 -15.78
N ILE B 130 -24.81 -28.99 -14.56
CA ILE B 130 -25.60 -27.80 -14.22
C ILE B 130 -25.32 -26.61 -15.22
N GLN B 131 -24.05 -26.32 -15.49
CA GLN B 131 -23.68 -25.27 -16.40
C GLN B 131 -24.24 -25.50 -17.79
N LYS B 132 -24.08 -26.72 -18.34
CA LYS B 132 -24.69 -27.10 -19.64
C LYS B 132 -26.22 -26.93 -19.63
N LYS B 133 -26.88 -27.33 -18.54
CA LYS B 133 -28.34 -27.13 -18.46
C LYS B 133 -28.84 -25.66 -18.37
N THR B 134 -28.21 -24.88 -17.51
CA THR B 134 -28.74 -23.60 -17.01
C THR B 134 -27.84 -22.40 -17.39
N GLY B 135 -26.60 -22.67 -17.81
CA GLY B 135 -25.69 -21.60 -18.20
C GLY B 135 -24.73 -21.20 -17.09
N THR B 136 -25.03 -21.65 -15.88
CA THR B 136 -24.19 -21.34 -14.72
C THR B 136 -24.01 -22.50 -13.74
N TYR B 137 -22.98 -22.42 -12.92
CA TYR B 137 -22.86 -23.26 -11.69
C TYR B 137 -23.87 -22.85 -10.61
N PHE B 138 -23.93 -23.63 -9.54
CA PHE B 138 -24.86 -23.32 -8.46
C PHE B 138 -24.35 -22.04 -7.83
N ASN B 139 -25.23 -21.19 -7.32
CA ASN B 139 -24.76 -19.98 -6.67
C ASN B 139 -25.80 -19.43 -5.69
N THR B 140 -25.37 -18.44 -4.91
CA THR B 140 -26.27 -17.81 -3.91
C THR B 140 -27.17 -16.75 -4.48
N TYR B 141 -26.84 -16.23 -5.67
CA TYR B 141 -27.59 -15.09 -6.25
C TYR B 141 -28.92 -15.44 -6.91
N PHE B 142 -28.90 -16.44 -7.79
CA PHE B 142 -30.09 -16.90 -8.53
C PHE B 142 -31.20 -17.40 -7.60
N SER B 143 -32.41 -17.51 -8.12
CA SER B 143 -33.60 -17.71 -7.31
C SER B 143 -33.74 -19.09 -6.62
N ALA B 144 -33.22 -20.16 -7.23
CA ALA B 144 -33.63 -21.54 -6.85
C ALA B 144 -33.23 -21.93 -5.44
N PHE B 145 -32.01 -21.58 -5.03
CA PHE B 145 -31.56 -21.88 -3.68
C PHE B 145 -32.33 -21.10 -2.62
N LYS B 146 -32.99 -20.02 -3.02
CA LYS B 146 -33.83 -19.23 -2.11
C LYS B 146 -35.23 -19.83 -2.05
N ILE B 147 -35.75 -20.25 -3.18
CA ILE B 147 -37.02 -20.94 -3.23
C ILE B 147 -36.90 -22.21 -2.36
N LEU B 148 -35.77 -22.91 -2.46
CA LEU B 148 -35.46 -24.11 -1.66
C LEU B 148 -35.42 -23.83 -0.16
N TRP B 149 -34.60 -22.85 0.22
CA TRP B 149 -34.62 -22.40 1.60
C TRP B 149 -36.05 -22.16 2.11
N LEU B 150 -36.89 -21.51 1.30
CA LEU B 150 -38.29 -21.26 1.73
C LEU B 150 -39.07 -22.54 1.95
N ILE B 151 -38.91 -23.51 1.05
CA ILE B 151 -39.54 -24.84 1.12
C ILE B 151 -39.11 -25.65 2.39
N GLN B 152 -37.86 -25.48 2.78
CA GLN B 152 -37.28 -26.21 3.89
C GLN B 152 -37.62 -25.59 5.27
N ASN B 153 -37.64 -24.26 5.36
CA ASN B 153 -37.90 -23.60 6.65
C ASN B 153 -39.28 -23.03 6.74
N ASN B 154 -40.18 -23.41 5.84
CA ASN B 154 -41.53 -22.85 5.83
C ASN B 154 -42.54 -23.86 5.30
N PRO B 155 -43.28 -24.52 6.22
CA PRO B 155 -44.29 -25.55 5.92
C PRO B 155 -45.47 -25.06 5.05
N GLU B 156 -45.88 -23.82 5.26
CA GLU B 156 -46.95 -23.24 4.43
C GLU B 156 -46.54 -23.12 2.93
N ILE B 157 -45.28 -22.73 2.70
CA ILE B 157 -44.76 -22.56 1.33
C ILE B 157 -44.59 -23.92 0.63
N LYS B 158 -44.04 -24.89 1.37
CA LYS B 158 -43.95 -26.29 0.93
C LYS B 158 -45.33 -26.83 0.54
N GLN B 159 -46.33 -26.50 1.34
CA GLN B 159 -47.69 -27.04 1.18
C GLN B 159 -48.46 -26.42 0.02
N LYS B 160 -48.37 -25.09 -0.13
CA LYS B 160 -49.09 -24.37 -1.21
C LYS B 160 -48.39 -24.46 -2.57
N ILE B 161 -47.07 -24.72 -2.56
CA ILE B 161 -46.38 -25.17 -3.80
C ILE B 161 -46.90 -26.56 -4.26
N ASP B 162 -46.97 -27.50 -3.29
CA ASP B 162 -47.41 -28.89 -3.48
C ASP B 162 -48.86 -28.94 -3.98
N ASP B 163 -49.74 -28.17 -3.34
CA ASP B 163 -51.15 -28.22 -3.71
C ASP B 163 -51.52 -27.40 -4.97
N GLY B 164 -50.60 -26.52 -5.39
CA GLY B 164 -50.74 -25.77 -6.64
C GLY B 164 -51.36 -24.38 -6.53
N THR B 165 -51.44 -23.84 -5.29
CA THR B 165 -52.13 -22.58 -5.05
C THR B 165 -51.17 -21.41 -4.77
N ALA B 166 -49.89 -21.64 -4.97
CA ALA B 166 -48.90 -20.59 -4.83
C ALA B 166 -48.29 -20.24 -6.19
N VAL B 167 -47.70 -19.02 -6.23
CA VAL B 167 -46.89 -18.53 -7.35
C VAL B 167 -45.47 -18.22 -6.89
N ILE B 168 -44.51 -18.75 -7.64
CA ILE B 168 -43.12 -18.34 -7.54
C ILE B 168 -42.75 -17.31 -8.66
N GLY B 169 -42.43 -16.09 -8.24
CA GLY B 169 -42.11 -15.04 -9.18
C GLY B 169 -40.91 -14.19 -8.86
N ASN B 170 -40.18 -13.84 -9.91
CA ASN B 170 -39.26 -12.72 -9.87
C ASN B 170 -40.09 -11.41 -9.83
N ILE B 171 -39.43 -10.28 -9.63
CA ILE B 171 -40.09 -8.97 -9.46
C ILE B 171 -40.99 -8.51 -10.61
N ASN B 172 -40.63 -8.88 -11.86
CA ASN B 172 -41.46 -8.60 -13.01
C ASN B 172 -42.82 -9.25 -12.89
N THR B 173 -42.82 -10.55 -12.56
CA THR B 173 -44.02 -11.40 -12.39
C THR B 173 -44.90 -10.78 -11.31
N TRP B 174 -44.27 -10.39 -10.20
CA TRP B 174 -44.93 -9.71 -9.12
C TRP B 174 -45.65 -8.42 -9.57
N LEU B 175 -44.90 -7.52 -10.22
CA LEU B 175 -45.44 -6.29 -10.86
C LEU B 175 -46.63 -6.55 -11.81
N ILE B 176 -46.42 -7.46 -12.77
CA ILE B 176 -47.43 -7.76 -13.80
C ILE B 176 -48.69 -8.40 -13.20
N PHE B 177 -48.50 -9.34 -12.26
CA PHE B 177 -49.63 -9.94 -11.48
C PHE B 177 -50.54 -8.90 -10.77
N ASN B 178 -49.96 -8.00 -9.98
CA ASN B 178 -50.73 -6.94 -9.32
C ASN B 178 -51.34 -5.92 -10.29
N LEU B 179 -50.53 -5.41 -11.23
CA LEU B 179 -51.09 -4.47 -12.24
C LEU B 179 -52.29 -5.02 -13.03
N THR B 180 -52.23 -6.29 -13.43
CA THR B 180 -53.29 -6.87 -14.27
C THR B 180 -54.33 -7.64 -13.46
N LYS B 181 -54.18 -7.58 -12.14
CA LYS B 181 -55.02 -8.33 -11.19
C LYS B 181 -55.13 -9.82 -11.53
N GLY B 182 -54.00 -10.46 -11.85
CA GLY B 182 -53.96 -11.91 -11.87
C GLY B 182 -53.04 -12.64 -12.81
N ASN B 183 -52.62 -12.01 -13.93
CA ASN B 183 -51.73 -12.64 -14.95
C ASN B 183 -50.41 -13.17 -14.41
N CYS B 184 -50.02 -14.38 -14.79
CA CYS B 184 -48.78 -15.02 -14.29
C CYS B 184 -47.71 -15.28 -15.40
N TYR B 185 -46.82 -14.28 -15.58
CA TYR B 185 -45.84 -14.26 -16.66
C TYR B 185 -44.47 -13.90 -16.20
N THR B 186 -43.51 -14.39 -16.97
CA THR B 186 -42.14 -13.96 -16.88
C THR B 186 -41.69 -13.76 -18.34
N ASP B 187 -40.43 -13.38 -18.55
CA ASP B 187 -39.86 -13.28 -19.86
C ASP B 187 -38.57 -14.14 -19.87
N VAL B 188 -37.97 -14.34 -21.03
CA VAL B 188 -36.80 -15.19 -21.15
C VAL B 188 -35.58 -14.82 -20.31
N THR B 189 -35.33 -13.53 -20.14
CA THR B 189 -34.12 -13.03 -19.49
C THR B 189 -34.17 -13.22 -17.97
N ASN B 190 -35.32 -12.90 -17.36
CA ASN B 190 -35.63 -13.19 -15.97
C ASN B 190 -35.67 -14.72 -15.70
N ALA B 191 -36.41 -15.50 -16.52
CA ALA B 191 -36.40 -16.95 -16.45
C ALA B 191 -34.96 -17.49 -16.39
N SER B 192 -34.05 -16.87 -17.12
CA SER B 192 -32.70 -17.37 -17.17
C SER B 192 -31.95 -17.16 -15.82
N ARG B 193 -32.55 -16.45 -14.85
CA ARG B 193 -31.84 -16.09 -13.63
C ARG B 193 -32.43 -16.82 -12.39
N THR B 194 -33.01 -18.01 -12.58
CA THR B 194 -33.76 -18.71 -11.53
C THR B 194 -33.09 -20.02 -11.19
N LEU B 195 -32.26 -20.50 -12.12
CA LEU B 195 -31.59 -21.80 -12.05
C LEU B 195 -32.53 -22.97 -12.46
N LEU B 196 -33.73 -22.62 -12.93
CA LEU B 196 -34.78 -23.59 -13.28
C LEU B 196 -35.03 -23.76 -14.79
N MET B 197 -34.37 -22.93 -15.63
CA MET B 197 -34.66 -22.89 -17.08
C MET B 197 -33.56 -23.59 -17.90
N ASP B 198 -33.97 -24.35 -18.91
CA ASP B 198 -33.03 -24.95 -19.82
C ASP B 198 -32.57 -23.79 -20.69
N ILE B 199 -31.27 -23.44 -20.59
CA ILE B 199 -30.69 -22.30 -21.34
C ILE B 199 -30.71 -22.49 -22.89
N ASN B 200 -30.81 -23.74 -23.32
CA ASN B 200 -30.99 -24.07 -24.73
C ASN B 200 -32.40 -24.04 -25.25
N THR B 201 -33.37 -24.62 -24.54
CA THR B 201 -34.77 -24.70 -25.02
C THR B 201 -35.76 -23.69 -24.48
N LEU B 202 -35.34 -22.86 -23.54
CA LEU B 202 -36.19 -21.78 -22.95
C LEU B 202 -37.46 -22.27 -22.25
N GLN B 203 -37.34 -23.47 -21.65
CA GLN B 203 -38.42 -24.09 -20.94
C GLN B 203 -37.98 -24.29 -19.51
N TRP B 204 -38.91 -24.14 -18.58
CA TRP B 204 -38.73 -24.66 -17.23
C TRP B 204 -38.20 -26.12 -17.29
N ASP B 205 -37.21 -26.43 -16.47
CA ASP B 205 -36.58 -27.76 -16.50
C ASP B 205 -37.05 -28.58 -15.32
N GLU B 206 -37.52 -29.76 -15.69
CA GLU B 206 -37.87 -30.87 -14.83
C GLU B 206 -36.79 -31.28 -13.84
N LYS B 207 -35.65 -31.74 -14.36
CA LYS B 207 -34.58 -32.22 -13.50
C LYS B 207 -34.14 -31.13 -12.50
N MET B 208 -34.01 -29.88 -12.97
CA MET B 208 -33.61 -28.78 -12.08
C MET B 208 -34.64 -28.52 -11.00
N CYS B 209 -35.91 -28.68 -11.33
CA CYS B 209 -36.95 -28.56 -10.30
C CYS B 209 -36.89 -29.71 -9.32
N LYS B 210 -36.60 -30.90 -9.83
CA LYS B 210 -36.44 -32.06 -8.97
C LYS B 210 -35.40 -31.72 -7.95
N ILE B 211 -34.21 -31.32 -8.41
CA ILE B 211 -33.09 -30.94 -7.52
C ILE B 211 -33.47 -29.97 -6.40
N PHE B 212 -34.47 -29.13 -6.67
CA PHE B 212 -34.79 -27.96 -5.87
C PHE B 212 -36.12 -28.07 -5.13
N ASN B 213 -36.76 -29.23 -5.23
CA ASN B 213 -38.03 -29.54 -4.54
C ASN B 213 -39.24 -28.82 -5.07
N ILE B 214 -39.13 -28.28 -6.28
CA ILE B 214 -40.32 -27.78 -6.93
C ILE B 214 -41.05 -29.01 -7.46
N THR B 215 -41.93 -29.49 -6.59
CA THR B 215 -42.66 -30.76 -6.79
C THR B 215 -43.80 -30.58 -7.80
N ASN B 216 -44.39 -29.38 -7.83
CA ASN B 216 -45.47 -29.01 -8.78
C ASN B 216 -45.05 -27.88 -9.75
N MET B 217 -44.68 -28.25 -10.97
CA MET B 217 -44.25 -27.24 -11.97
C MET B 217 -45.27 -26.21 -12.49
N SER B 218 -46.51 -26.27 -12.01
CA SER B 218 -47.54 -25.36 -12.54
C SER B 218 -47.59 -24.06 -11.77
N VAL B 219 -46.85 -23.98 -10.65
CA VAL B 219 -46.68 -22.71 -9.91
C VAL B 219 -45.72 -21.67 -10.58
N LEU B 220 -45.10 -22.08 -11.69
CA LEU B 220 -44.16 -21.24 -12.41
C LEU B 220 -44.88 -20.52 -13.52
N PRO B 221 -44.59 -19.21 -13.71
CA PRO B 221 -45.31 -18.44 -14.76
C PRO B 221 -44.86 -18.80 -16.14
N GLU B 222 -45.72 -18.63 -17.11
CA GLU B 222 -45.34 -18.78 -18.50
C GLU B 222 -44.22 -17.84 -18.90
N ILE B 223 -43.18 -18.39 -19.53
CA ILE B 223 -42.08 -17.65 -20.12
C ILE B 223 -42.47 -17.03 -21.47
N LYS B 224 -42.54 -15.70 -21.46
CA LYS B 224 -42.87 -14.98 -22.64
C LYS B 224 -41.59 -14.41 -23.27
N SER B 225 -41.69 -13.93 -24.48
CA SER B 225 -40.61 -13.18 -25.04
C SER B 225 -40.67 -11.69 -24.56
N ASN B 226 -39.64 -10.93 -24.89
CA ASN B 226 -39.45 -9.59 -24.33
C ASN B 226 -40.45 -8.57 -24.80
N CYS B 227 -40.94 -8.80 -26.02
CA CYS B 227 -42.06 -8.09 -26.62
C CYS B 227 -43.22 -9.09 -26.69
N SER B 228 -44.38 -8.72 -26.15
CA SER B 228 -45.47 -9.66 -25.93
C SER B 228 -46.56 -8.92 -25.18
N ASN B 229 -47.78 -9.45 -25.17
CA ASN B 229 -48.89 -8.84 -24.41
C ASN B 229 -48.97 -9.46 -23.04
N PHE B 230 -48.68 -8.66 -22.03
CA PHE B 230 -48.46 -9.21 -20.71
C PHE B 230 -49.73 -9.03 -19.92
N GLY B 231 -50.69 -8.38 -20.56
CA GLY B 231 -52.00 -8.10 -19.97
C GLY B 231 -52.34 -6.63 -20.02
N LEU B 232 -53.56 -6.30 -19.61
CA LEU B 232 -54.00 -4.93 -19.48
C LEU B 232 -53.96 -4.57 -18.01
N VAL B 233 -53.72 -3.29 -17.73
CA VAL B 233 -53.85 -2.76 -16.36
C VAL B 233 -55.35 -2.70 -15.95
N LYS B 234 -55.70 -3.35 -14.85
CA LYS B 234 -57.07 -3.38 -14.31
C LYS B 234 -57.12 -2.88 -12.86
N SER B 235 -55.95 -2.73 -12.23
CA SER B 235 -55.89 -2.37 -10.79
C SER B 235 -56.66 -1.08 -10.48
N GLU B 236 -57.30 -1.09 -9.32
CA GLU B 236 -58.12 0.04 -8.90
C GLU B 236 -57.27 0.98 -8.04
N HIS B 237 -55.98 0.66 -7.97
CA HIS B 237 -55.02 1.47 -7.25
C HIS B 237 -54.46 2.56 -8.17
N VAL B 238 -54.47 2.28 -9.47
CA VAL B 238 -54.03 3.22 -10.50
C VAL B 238 -55.21 3.40 -11.50
N PRO B 239 -56.25 4.15 -11.09
CA PRO B 239 -57.49 4.22 -11.89
C PRO B 239 -57.31 4.79 -13.29
N ASP B 240 -56.41 5.76 -13.43
CA ASP B 240 -56.16 6.41 -14.73
C ASP B 240 -55.53 5.49 -15.80
N TYR B 241 -54.97 4.37 -15.35
CA TYR B 241 -54.26 3.44 -16.22
C TYR B 241 -55.09 2.26 -16.70
N LEU B 242 -56.39 2.27 -16.39
CA LEU B 242 -57.25 1.15 -16.73
C LEU B 242 -57.21 0.89 -18.24
N ASN B 243 -56.94 -0.36 -18.59
CA ASN B 243 -56.94 -0.85 -19.96
C ASN B 243 -55.74 -0.46 -20.83
N ILE B 244 -54.73 0.13 -20.18
CA ILE B 244 -53.45 0.35 -20.84
C ILE B 244 -52.65 -0.96 -20.86
N PRO B 245 -52.07 -1.26 -22.05
CA PRO B 245 -51.26 -2.49 -22.27
C PRO B 245 -49.80 -2.49 -21.71
N ILE B 246 -49.42 -3.61 -21.09
CA ILE B 246 -48.05 -3.89 -20.65
C ILE B 246 -47.46 -4.66 -21.81
N THR B 247 -46.36 -4.18 -22.40
CA THR B 247 -45.93 -4.70 -23.73
C THR B 247 -44.41 -4.96 -23.87
N GLY B 248 -43.66 -4.65 -22.80
CA GLY B 248 -42.28 -5.03 -22.77
C GLY B 248 -41.98 -5.53 -21.39
N CYS B 249 -41.05 -6.48 -21.30
CA CYS B 249 -40.62 -6.98 -20.02
C CYS B 249 -39.25 -7.60 -20.17
N ILE B 250 -38.30 -7.11 -19.35
CA ILE B 250 -36.89 -7.57 -19.40
C ILE B 250 -36.13 -7.41 -18.05
N GLY B 251 -35.16 -8.27 -17.79
CA GLY B 251 -34.29 -8.05 -16.61
C GLY B 251 -33.45 -6.79 -16.74
N ASP B 252 -33.18 -6.09 -15.65
CA ASP B 252 -32.44 -4.81 -15.75
C ASP B 252 -31.11 -4.79 -16.53
N GLN B 253 -30.27 -5.78 -16.35
CA GLN B 253 -29.00 -5.84 -17.07
C GLN B 253 -29.16 -6.09 -18.58
N GLN B 254 -30.16 -6.87 -18.94
CA GLN B 254 -30.46 -7.04 -20.35
C GLN B 254 -31.17 -5.77 -20.95
N SER B 255 -32.00 -5.11 -20.18
CA SER B 255 -32.63 -3.82 -20.59
C SER B 255 -31.58 -2.76 -20.95
N ALA B 256 -30.53 -2.66 -20.14
CA ALA B 256 -29.41 -1.78 -20.41
C ALA B 256 -28.66 -2.14 -21.68
N CYS B 257 -28.59 -3.41 -22.04
CA CYS B 257 -28.06 -3.81 -23.34
C CYS B 257 -28.95 -3.27 -24.48
N ILE B 258 -30.27 -3.27 -24.29
CA ILE B 258 -31.21 -2.74 -25.32
C ILE B 258 -31.05 -1.20 -25.44
N GLY B 259 -31.10 -0.49 -24.33
CA GLY B 259 -30.77 0.93 -24.26
C GLY B 259 -29.42 1.31 -24.79
N GLN B 260 -28.43 0.40 -24.72
CA GLN B 260 -27.06 0.65 -25.25
C GLN B 260 -26.84 0.12 -26.69
N ALA B 261 -27.93 -0.37 -27.28
CA ALA B 261 -27.97 -0.88 -28.65
C ALA B 261 -26.91 -1.93 -28.95
N ILE B 262 -26.76 -2.88 -28.04
CA ILE B 262 -25.76 -3.99 -28.04
C ILE B 262 -26.36 -5.22 -28.80
N PHE B 263 -26.74 -5.03 -30.07
CA PHE B 263 -27.65 -5.95 -30.81
C PHE B 263 -26.99 -7.13 -31.56
N ASP B 264 -25.70 -7.01 -31.85
CA ASP B 264 -24.97 -7.97 -32.68
C ASP B 264 -23.80 -8.65 -31.94
N GLU B 265 -23.37 -9.82 -32.44
CA GLU B 265 -22.32 -10.61 -31.77
C GLU B 265 -21.03 -9.83 -31.67
N GLY B 266 -20.34 -9.94 -30.54
CA GLY B 266 -19.06 -9.24 -30.39
C GLY B 266 -19.25 -7.83 -29.88
N GLU B 267 -20.52 -7.44 -29.74
CA GLU B 267 -20.87 -6.20 -29.06
C GLU B 267 -21.05 -6.39 -27.57
N ALA B 268 -20.44 -5.53 -26.77
CA ALA B 268 -20.34 -5.69 -25.31
C ALA B 268 -20.69 -4.40 -24.58
N LYS B 269 -21.29 -4.49 -23.39
CA LYS B 269 -21.41 -3.32 -22.50
C LYS B 269 -20.73 -3.55 -21.15
N CYS B 270 -20.12 -2.51 -20.58
CA CYS B 270 -19.56 -2.57 -19.22
C CYS B 270 -20.10 -1.45 -18.37
N THR B 271 -20.53 -1.75 -17.13
CA THR B 271 -20.90 -0.71 -16.15
C THR B 271 -19.76 -0.51 -15.18
N TYR B 272 -19.29 0.74 -15.02
CA TYR B 272 -18.28 1.03 -14.03
C TYR B 272 -18.82 1.87 -12.89
N GLY B 273 -19.55 1.23 -12.00
CA GLY B 273 -20.05 1.84 -10.78
C GLY B 273 -19.34 1.26 -9.56
N THR B 274 -20.03 1.30 -8.42
CA THR B 274 -19.63 0.51 -7.26
C THR B 274 -19.25 -0.91 -7.70
N GLY B 275 -20.13 -1.57 -8.47
CA GLY B 275 -19.80 -2.80 -9.10
C GLY B 275 -19.27 -2.54 -10.50
N VAL B 276 -18.34 -3.38 -10.93
CA VAL B 276 -17.79 -3.34 -12.29
C VAL B 276 -18.05 -4.70 -12.91
N PHE B 277 -18.94 -4.73 -13.91
CA PHE B 277 -19.33 -5.98 -14.55
C PHE B 277 -19.64 -5.80 -16.05
N LEU B 278 -19.65 -6.89 -16.79
CA LEU B 278 -19.63 -6.83 -18.23
C LEU B 278 -20.62 -7.84 -18.84
N LEU B 279 -21.25 -7.46 -19.95
CA LEU B 279 -22.01 -8.41 -20.77
C LEU B 279 -21.52 -8.34 -22.21
N ILE B 280 -21.16 -9.50 -22.79
CA ILE B 280 -20.83 -9.62 -24.24
C ILE B 280 -21.90 -10.39 -24.99
N ASN B 281 -22.55 -9.75 -25.97
CA ASN B 281 -23.49 -10.40 -26.87
C ASN B 281 -22.84 -11.52 -27.77
N THR B 282 -23.34 -12.75 -27.65
CA THR B 282 -22.73 -13.89 -28.37
C THR B 282 -23.51 -14.29 -29.64
N GLY B 283 -24.31 -13.36 -30.17
CA GLY B 283 -25.20 -13.67 -31.27
C GLY B 283 -26.14 -14.80 -30.92
N GLU B 284 -26.30 -15.77 -31.83
CA GLU B 284 -27.31 -16.85 -31.65
C GLU B 284 -26.66 -18.10 -31.08
N LYS B 285 -25.33 -18.05 -30.98
CA LYS B 285 -24.47 -19.10 -30.38
C LYS B 285 -24.52 -19.14 -28.83
N VAL B 286 -24.99 -20.27 -28.25
CA VAL B 286 -24.81 -20.57 -26.82
C VAL B 286 -23.32 -20.87 -26.59
N VAL B 287 -22.59 -19.90 -26.02
CA VAL B 287 -21.20 -20.07 -25.61
C VAL B 287 -21.12 -20.34 -24.08
N TYR B 288 -20.54 -21.50 -23.74
CA TYR B 288 -20.28 -21.87 -22.36
C TYR B 288 -18.87 -21.44 -22.06
N SER B 289 -18.69 -20.84 -20.88
CA SER B 289 -17.41 -20.35 -20.42
C SER B 289 -16.57 -21.50 -19.87
N THR B 290 -15.24 -21.42 -20.06
CA THR B 290 -14.32 -22.45 -19.57
C THR B 290 -13.66 -22.01 -18.23
N CYS B 291 -14.00 -20.80 -17.79
CA CYS B 291 -13.43 -20.15 -16.63
C CYS B 291 -14.47 -19.74 -15.58
N GLY B 292 -15.68 -20.31 -15.66
CA GLY B 292 -16.75 -20.10 -14.69
C GLY B 292 -17.60 -18.85 -14.82
N LEU B 293 -17.58 -18.18 -15.98
CA LEU B 293 -18.49 -17.05 -16.20
C LEU B 293 -19.90 -17.51 -16.65
N ILE B 294 -20.86 -16.62 -16.61
CA ILE B 294 -22.26 -16.98 -16.79
C ILE B 294 -22.72 -16.85 -18.26
N THR B 295 -23.34 -17.92 -18.77
CA THR B 295 -24.06 -17.98 -20.06
C THR B 295 -25.50 -17.52 -19.81
N THR B 296 -25.91 -16.43 -20.44
CA THR B 296 -27.29 -15.96 -20.28
C THR B 296 -28.04 -15.67 -21.60
N ILE B 297 -29.34 -15.30 -21.48
CA ILE B 297 -30.12 -14.73 -22.60
C ILE B 297 -30.01 -13.21 -22.61
N CYS B 298 -29.54 -12.66 -23.72
CA CYS B 298 -29.57 -11.23 -23.97
C CYS B 298 -31.01 -10.71 -24.21
N TYR B 299 -31.72 -11.31 -25.18
CA TYR B 299 -33.11 -10.91 -25.53
C TYR B 299 -33.72 -11.85 -26.56
N LYS B 300 -35.05 -11.87 -26.56
CA LYS B 300 -35.78 -12.45 -27.67
C LYS B 300 -37.00 -11.57 -27.93
N PHE B 301 -37.00 -10.88 -29.07
CA PHE B 301 -38.09 -9.94 -29.33
C PHE B 301 -39.41 -10.68 -29.50
N ASN B 302 -39.47 -11.61 -30.46
CA ASN B 302 -40.72 -12.32 -30.73
C ASN B 302 -40.62 -13.83 -30.69
N ASP B 303 -41.77 -14.49 -30.56
CA ASP B 303 -41.85 -15.95 -30.50
C ASP B 303 -41.13 -16.69 -31.63
N ASN B 304 -41.16 -16.14 -32.84
CA ASN B 304 -40.47 -16.67 -34.02
C ASN B 304 -38.94 -16.56 -33.99
N ASP B 305 -38.41 -15.74 -33.09
CA ASP B 305 -37.00 -15.34 -33.17
C ASP B 305 -36.04 -16.34 -32.54
N LYS B 306 -34.89 -16.53 -33.16
CA LYS B 306 -33.84 -17.25 -32.48
C LYS B 306 -33.41 -16.26 -31.39
N PRO B 307 -33.25 -16.72 -30.13
CA PRO B 307 -32.80 -15.78 -29.09
C PRO B 307 -31.37 -15.36 -29.30
N LYS B 308 -31.01 -14.16 -28.84
CA LYS B 308 -29.58 -13.78 -28.83
C LYS B 308 -29.05 -14.06 -27.41
N TYR B 309 -27.82 -14.57 -27.36
CA TYR B 309 -27.20 -15.03 -26.13
C TYR B 309 -26.15 -14.05 -25.63
N ALA B 310 -25.73 -14.20 -24.37
CA ALA B 310 -24.68 -13.35 -23.80
C ALA B 310 -23.75 -14.08 -22.84
N LEU B 311 -22.61 -13.48 -22.60
CA LEU B 311 -21.69 -13.91 -21.58
C LEU B 311 -21.51 -12.75 -20.58
N GLU B 312 -21.43 -13.10 -19.31
CA GLU B 312 -21.50 -12.18 -18.17
C GLU B 312 -20.31 -12.38 -17.25
N GLY B 313 -19.69 -11.28 -16.81
CA GLY B 313 -18.53 -11.37 -15.93
C GLY B 313 -18.56 -10.22 -14.95
N SER B 314 -18.10 -10.45 -13.73
CA SER B 314 -18.14 -9.43 -12.66
C SER B 314 -16.82 -9.37 -11.91
N ILE B 315 -16.34 -8.16 -11.60
CA ILE B 315 -15.13 -8.07 -10.74
C ILE B 315 -15.47 -7.56 -9.36
N GLY B 316 -16.69 -7.90 -8.92
CA GLY B 316 -17.26 -7.43 -7.66
C GLY B 316 -17.38 -5.93 -7.60
N THR B 317 -17.18 -5.39 -6.39
CA THR B 317 -17.37 -3.98 -6.06
C THR B 317 -16.09 -3.18 -6.27
N ALA B 318 -15.46 -3.38 -7.45
CA ALA B 318 -14.19 -2.67 -7.81
C ALA B 318 -14.23 -1.13 -7.65
N GLY B 319 -15.35 -0.49 -7.98
CA GLY B 319 -15.50 0.95 -7.76
C GLY B 319 -15.37 1.37 -6.31
N SER B 320 -15.64 0.44 -5.40
CA SER B 320 -15.36 0.72 -3.99
C SER B 320 -13.90 0.87 -3.59
N GLY B 321 -12.96 0.44 -4.43
CA GLY B 321 -11.54 0.76 -4.28
C GLY B 321 -11.28 2.26 -4.26
N VAL B 322 -12.07 3.01 -5.01
CA VAL B 322 -12.02 4.48 -4.94
C VAL B 322 -12.53 5.04 -3.60
N SER B 323 -13.57 4.45 -3.02
CA SER B 323 -13.95 4.77 -1.63
C SER B 323 -12.86 4.46 -0.58
N TRP B 324 -12.15 3.36 -0.77
CA TRP B 324 -11.06 2.94 0.12
C TRP B 324 -9.83 3.92 0.08
N LEU B 325 -9.47 4.41 -1.10
CA LEU B 325 -8.50 5.50 -1.21
C LEU B 325 -8.95 6.72 -0.38
N LEU B 326 -10.24 7.04 -0.46
CA LEU B 326 -10.87 8.13 0.31
C LEU B 326 -10.92 7.89 1.85
N LYS B 327 -11.24 6.67 2.27
CA LYS B 327 -11.09 6.36 3.70
C LYS B 327 -9.64 6.51 4.19
N ASN B 328 -8.66 6.14 3.37
CA ASN B 328 -7.27 6.19 3.80
C ASN B 328 -6.56 7.47 3.41
N LYS B 329 -7.36 8.45 2.97
CA LYS B 329 -6.92 9.85 2.79
C LYS B 329 -6.01 9.97 1.62
N LEU B 330 -5.91 8.90 0.82
CA LEU B 330 -5.08 8.92 -0.39
C LEU B 330 -5.61 9.80 -1.54
N ILE B 331 -6.89 10.19 -1.46
CA ILE B 331 -7.53 11.26 -2.26
C ILE B 331 -8.59 11.94 -1.43
N ASP B 332 -8.92 13.18 -1.79
CA ASP B 332 -9.95 13.93 -1.04
C ASP B 332 -11.39 13.89 -1.59
N ASP B 333 -11.50 13.60 -2.90
CA ASP B 333 -12.75 13.58 -3.62
C ASP B 333 -12.54 12.67 -4.82
N PRO B 334 -13.57 11.89 -5.20
CA PRO B 334 -13.49 11.04 -6.39
C PRO B 334 -13.06 11.78 -7.66
N SER B 335 -13.28 13.09 -7.70
CA SER B 335 -13.00 13.87 -8.90
C SER B 335 -11.50 14.01 -9.07
N GLU B 336 -10.80 14.06 -7.93
CA GLU B 336 -9.35 14.06 -7.83
C GLU B 336 -8.71 12.84 -8.50
N ALA B 337 -9.49 11.78 -8.73
CA ALA B 337 -9.03 10.58 -9.42
C ALA B 337 -8.78 10.79 -10.94
N SER B 338 -9.68 11.56 -11.57
CA SER B 338 -9.51 12.02 -12.95
C SER B 338 -8.29 12.92 -13.15
N ASP B 339 -8.16 13.90 -12.23
CA ASP B 339 -7.01 14.83 -12.17
C ASP B 339 -5.68 14.09 -12.10
N ILE B 340 -5.62 13.11 -11.20
CA ILE B 340 -4.44 12.32 -10.93
C ILE B 340 -4.00 11.52 -12.15
N MET B 341 -4.95 10.90 -12.84
CA MET B 341 -4.64 10.14 -14.06
C MET B 341 -4.27 10.97 -15.32
N GLU B 342 -4.64 12.26 -15.31
CA GLU B 342 -4.19 13.22 -16.32
C GLU B 342 -2.72 13.58 -16.10
N LYS B 343 -2.43 14.16 -14.93
CA LYS B 343 -1.06 14.54 -14.56
C LYS B 343 -0.07 13.36 -14.58
N CYS B 344 -0.39 12.30 -13.84
CA CYS B 344 0.42 11.07 -13.70
C CYS B 344 0.33 10.15 -14.94
N GLU B 345 1.35 10.15 -15.79
CA GLU B 345 1.35 9.37 -17.05
C GLU B 345 1.53 7.85 -16.80
N ASN B 346 2.33 7.54 -15.78
CA ASN B 346 2.58 6.16 -15.34
C ASN B 346 2.67 6.13 -13.78
N THR B 347 3.00 4.97 -13.23
CA THR B 347 3.07 4.74 -11.78
C THR B 347 4.54 4.50 -11.32
N THR B 348 5.49 4.79 -12.21
CA THR B 348 6.92 4.51 -12.04
C THR B 348 7.21 3.12 -11.43
N GLY B 349 6.64 2.08 -12.03
CA GLY B 349 6.85 0.69 -11.63
C GLY B 349 5.93 0.13 -10.54
N VAL B 350 5.17 1.00 -9.86
CA VAL B 350 4.21 0.60 -8.84
C VAL B 350 3.02 -0.22 -9.39
N ILE B 351 2.75 -1.38 -8.81
CA ILE B 351 1.57 -2.19 -9.20
C ILE B 351 0.68 -2.50 -8.00
N PHE B 352 -0.62 -2.31 -8.19
CA PHE B 352 -1.65 -2.56 -7.17
C PHE B 352 -2.56 -3.67 -7.67
N VAL B 353 -2.53 -4.82 -6.99
CA VAL B 353 -3.48 -5.89 -7.31
C VAL B 353 -4.63 -5.65 -6.37
N PRO B 354 -5.70 -5.02 -6.87
CA PRO B 354 -6.66 -4.57 -5.88
C PRO B 354 -7.69 -5.67 -5.50
N ALA B 355 -7.19 -6.86 -5.14
CA ALA B 355 -8.02 -7.95 -4.69
C ALA B 355 -8.58 -7.90 -3.24
N PHE B 356 -9.26 -6.81 -2.86
CA PHE B 356 -9.83 -6.64 -1.53
C PHE B 356 -10.76 -7.81 -1.10
N SER B 357 -11.53 -8.34 -2.06
CA SER B 357 -12.43 -9.50 -1.87
C SER B 357 -11.95 -10.76 -2.61
N GLY B 358 -10.66 -10.87 -2.90
CA GLY B 358 -10.13 -12.01 -3.61
C GLY B 358 -10.18 -11.63 -5.07
N LEU B 359 -9.73 -12.55 -5.93
CA LEU B 359 -9.76 -12.43 -7.40
C LEU B 359 -10.87 -13.32 -7.90
N TYR B 360 -11.73 -12.73 -8.71
CA TYR B 360 -12.80 -13.44 -9.38
C TYR B 360 -12.30 -14.13 -10.67
N ALA B 361 -13.18 -14.27 -11.67
CA ALA B 361 -12.85 -14.96 -12.94
C ALA B 361 -11.72 -14.25 -13.69
N PRO B 362 -10.81 -14.99 -14.37
CA PRO B 362 -10.68 -16.47 -14.59
C PRO B 362 -10.01 -17.25 -13.47
N ARG B 363 -9.31 -16.56 -12.60
CA ARG B 363 -8.45 -17.20 -11.58
C ARG B 363 -9.23 -17.94 -10.49
N TRP B 364 -10.33 -17.31 -10.05
CA TRP B 364 -11.14 -17.73 -8.89
C TRP B 364 -10.33 -18.04 -7.63
N ARG B 365 -9.80 -16.98 -7.02
CA ARG B 365 -8.95 -17.12 -5.80
C ARG B 365 -9.45 -16.24 -4.65
N SER B 366 -10.28 -16.85 -3.75
CA SER B 366 -10.92 -16.07 -2.65
C SER B 366 -9.90 -15.65 -1.62
N ASP B 367 -8.73 -16.27 -1.69
CA ASP B 367 -7.60 -16.14 -0.76
C ASP B 367 -6.57 -15.04 -1.08
N ALA B 368 -6.68 -14.49 -2.29
CA ALA B 368 -5.96 -13.31 -2.72
C ALA B 368 -6.43 -12.10 -1.93
N ARG B 369 -5.46 -11.26 -1.56
CA ARG B 369 -5.72 -9.97 -0.89
C ARG B 369 -5.10 -8.78 -1.62
N ALA B 370 -5.50 -7.57 -1.22
CA ALA B 370 -5.04 -6.37 -1.89
C ALA B 370 -3.54 -6.16 -1.64
N SER B 371 -2.78 -5.94 -2.71
CA SER B 371 -1.33 -5.95 -2.60
C SER B 371 -0.73 -4.88 -3.47
N ILE B 372 0.28 -4.20 -2.94
CA ILE B 372 0.93 -3.09 -3.66
C ILE B 372 2.40 -3.37 -3.71
N TYR B 373 2.99 -3.15 -4.87
CA TYR B 373 4.34 -3.56 -5.15
C TYR B 373 5.13 -2.41 -5.78
N GLY B 374 6.44 -2.45 -5.60
CA GLY B 374 7.35 -1.63 -6.37
C GLY B 374 7.54 -0.22 -5.88
N MET B 375 7.11 0.08 -4.66
CA MET B 375 7.27 1.40 -4.08
C MET B 375 8.72 1.74 -3.59
N THR B 376 9.08 3.02 -3.66
CA THR B 376 10.34 3.60 -3.17
C THR B 376 9.94 4.81 -2.34
N PHE B 377 10.91 5.55 -1.78
CA PHE B 377 10.60 6.76 -0.95
C PHE B 377 9.97 7.84 -1.83
N ASN B 378 10.22 7.73 -3.13
CA ASN B 378 9.67 8.64 -4.10
C ASN B 378 8.19 8.47 -4.49
N THR B 379 7.63 7.28 -4.29
CA THR B 379 6.19 7.01 -4.45
C THR B 379 5.23 7.94 -3.66
N GLU B 380 4.18 8.39 -4.35
CA GLU B 380 3.25 9.40 -3.86
C GLU B 380 1.77 8.97 -3.93
N ARG B 381 0.86 9.69 -3.29
CA ARG B 381 -0.59 9.36 -3.35
C ARG B 381 -1.04 9.05 -4.82
N SER B 382 -0.61 9.93 -5.74
CA SER B 382 -0.81 9.82 -7.20
C SER B 382 -0.47 8.51 -7.82
N HIS B 383 0.68 7.94 -7.40
CA HIS B 383 1.19 6.72 -8.03
C HIS B 383 0.37 5.51 -7.60
N ILE B 384 -0.11 5.55 -6.36
CA ILE B 384 -0.85 4.47 -5.71
C ILE B 384 -2.29 4.45 -6.21
N VAL B 385 -2.89 5.65 -6.32
CA VAL B 385 -4.24 5.89 -6.83
C VAL B 385 -4.35 5.46 -8.29
N ARG B 386 -3.41 5.91 -9.12
CA ARG B 386 -3.38 5.45 -10.51
C ARG B 386 -3.16 3.91 -10.66
N ALA B 387 -2.28 3.33 -9.83
CA ALA B 387 -2.03 1.89 -9.81
C ALA B 387 -3.31 1.11 -9.53
N LEU B 388 -4.05 1.52 -8.51
CA LEU B 388 -5.31 0.92 -8.16
C LEU B 388 -6.27 0.92 -9.33
N LEU B 389 -6.39 2.05 -10.01
CA LEU B 389 -7.29 2.22 -11.17
C LEU B 389 -6.86 1.35 -12.36
N GLU B 390 -5.56 1.27 -12.56
CA GLU B 390 -4.99 0.42 -13.55
C GLU B 390 -5.26 -1.07 -13.22
N GLY B 391 -5.09 -1.48 -11.95
CA GLY B 391 -5.46 -2.80 -11.44
C GLY B 391 -6.90 -3.22 -11.76
N ILE B 392 -7.84 -2.27 -11.75
CA ILE B 392 -9.25 -2.55 -12.13
C ILE B 392 -9.34 -2.93 -13.61
N ALA B 393 -8.58 -2.21 -14.45
CA ALA B 393 -8.56 -2.41 -15.91
C ALA B 393 -7.98 -3.75 -16.25
N PHE B 394 -6.81 -4.06 -15.70
CA PHE B 394 -6.21 -5.40 -15.83
C PHE B 394 -7.14 -6.56 -15.44
N GLN B 395 -7.80 -6.51 -14.28
CA GLN B 395 -8.79 -7.52 -13.94
C GLN B 395 -9.81 -7.66 -15.06
N LEU B 396 -10.37 -6.53 -15.50
CA LEU B 396 -11.39 -6.50 -16.56
C LEU B 396 -10.87 -7.11 -17.86
N ASN B 397 -9.63 -6.77 -18.23
CA ASN B 397 -8.99 -7.34 -19.38
C ASN B 397 -8.87 -8.86 -19.34
N GLU B 398 -8.56 -9.42 -18.18
CA GLU B 398 -8.55 -10.87 -18.00
C GLU B 398 -9.88 -11.52 -18.31
N ILE B 399 -10.96 -10.85 -17.94
CA ILE B 399 -12.29 -11.34 -18.22
C ILE B 399 -12.61 -11.25 -19.69
N VAL B 400 -12.38 -10.08 -20.30
CA VAL B 400 -12.52 -9.94 -21.74
C VAL B 400 -11.69 -10.96 -22.48
N ASP B 401 -10.43 -11.13 -22.11
CA ASP B 401 -9.57 -12.08 -22.82
C ASP B 401 -10.04 -13.54 -22.64
N SER B 402 -10.69 -13.83 -21.51
CA SER B 402 -11.30 -15.13 -21.30
C SER B 402 -12.51 -15.32 -22.19
N LEU B 403 -13.49 -14.44 -22.07
CA LEU B 403 -14.72 -14.56 -22.80
C LEU B 403 -14.46 -14.61 -24.33
N THR B 404 -13.67 -13.66 -24.86
CA THR B 404 -13.23 -13.64 -26.28
C THR B 404 -12.48 -14.93 -26.73
N SER B 405 -11.66 -15.52 -25.88
CA SER B 405 -11.10 -16.83 -26.18
C SER B 405 -12.20 -17.93 -26.29
N ASP B 406 -13.16 -18.00 -25.36
CA ASP B 406 -14.24 -18.98 -25.48
C ASP B 406 -15.12 -18.71 -26.74
N MET B 407 -15.30 -17.45 -27.12
CA MET B 407 -16.18 -17.14 -28.26
C MET B 407 -15.54 -17.41 -29.62
N GLY B 408 -14.22 -17.58 -29.62
CA GLY B 408 -13.47 -17.85 -30.81
C GLY B 408 -13.18 -16.62 -31.61
N ILE B 409 -13.35 -15.45 -30.99
CA ILE B 409 -13.06 -14.15 -31.66
C ILE B 409 -11.75 -13.54 -31.15
N GLU B 410 -11.29 -12.49 -31.81
CA GLU B 410 -10.00 -11.90 -31.47
C GLU B 410 -10.11 -10.54 -30.81
N MET B 411 -11.24 -9.88 -30.93
CA MET B 411 -11.37 -8.51 -30.51
C MET B 411 -12.87 -8.17 -30.39
N LEU B 412 -13.20 -7.30 -29.41
CA LEU B 412 -14.53 -6.71 -29.29
C LEU B 412 -14.80 -5.67 -30.37
N HIS B 413 -16.01 -5.72 -30.95
CA HIS B 413 -16.50 -4.68 -31.88
C HIS B 413 -16.46 -3.36 -31.15
N VAL B 414 -17.15 -3.34 -30.01
CA VAL B 414 -17.21 -2.14 -29.18
C VAL B 414 -17.42 -2.53 -27.71
N LEU B 415 -17.12 -1.58 -26.83
CA LEU B 415 -17.50 -1.67 -25.42
C LEU B 415 -18.23 -0.37 -25.05
N ARG B 416 -19.54 -0.46 -24.93
CA ARG B 416 -20.38 0.64 -24.50
C ARG B 416 -20.40 0.69 -22.99
N CYS B 417 -20.09 1.86 -22.42
CA CYS B 417 -19.80 1.97 -20.99
C CYS B 417 -20.69 2.98 -20.31
N ASP B 418 -21.02 2.68 -19.07
CA ASP B 418 -21.76 3.62 -18.26
C ASP B 418 -21.26 3.54 -16.80
N GLY B 419 -21.84 4.34 -15.91
CA GLY B 419 -21.45 4.43 -14.52
C GLY B 419 -20.52 5.60 -14.29
N GLY B 420 -20.36 5.98 -13.04
CA GLY B 420 -19.61 7.14 -12.66
C GLY B 420 -18.11 7.13 -12.88
N MET B 421 -17.49 5.96 -12.94
CA MET B 421 -16.08 5.90 -13.32
C MET B 421 -15.84 6.34 -14.78
N THR B 422 -16.90 6.37 -15.59
CA THR B 422 -16.80 6.80 -17.00
C THR B 422 -16.69 8.31 -17.20
N LYS B 423 -16.82 9.07 -16.11
CA LYS B 423 -16.49 10.49 -16.11
C LYS B 423 -14.98 10.74 -16.06
N ASN B 424 -14.22 9.72 -15.74
CA ASN B 424 -12.78 9.79 -15.69
C ASN B 424 -12.28 9.40 -17.07
N LYS B 425 -11.91 10.39 -17.88
CA LYS B 425 -11.54 10.09 -19.30
C LYS B 425 -10.13 9.47 -19.42
N PRO B 426 -9.17 9.95 -18.62
CA PRO B 426 -7.87 9.26 -18.67
C PRO B 426 -8.01 7.75 -18.32
N PHE B 427 -8.87 7.43 -17.36
CA PHE B 427 -9.16 6.04 -16.98
C PHE B 427 -9.91 5.26 -18.11
N MET B 428 -10.89 5.88 -18.75
CA MET B 428 -11.53 5.23 -19.91
C MET B 428 -10.52 4.92 -20.96
N GLN B 429 -9.62 5.89 -21.19
CA GLN B 429 -8.55 5.75 -22.20
C GLN B 429 -7.59 4.59 -21.94
N PHE B 430 -7.11 4.45 -20.70
CA PHE B 430 -6.31 3.28 -20.27
C PHE B 430 -7.00 1.91 -20.46
N ASN B 431 -8.31 1.85 -20.23
CA ASN B 431 -9.05 0.58 -20.45
C ASN B 431 -9.07 0.23 -21.94
N SER B 432 -9.29 1.23 -22.77
CA SER B 432 -9.22 1.11 -24.22
C SER B 432 -7.83 0.59 -24.69
N ASP B 433 -6.77 1.19 -24.16
CA ASP B 433 -5.42 0.68 -24.42
C ASP B 433 -5.19 -0.79 -24.05
N ILE B 434 -5.47 -1.16 -22.81
CA ILE B 434 -5.11 -2.50 -22.27
C ILE B 434 -6.05 -3.60 -22.79
N ILE B 435 -7.33 -3.29 -22.92
CA ILE B 435 -8.25 -4.29 -23.39
C ILE B 435 -8.16 -4.40 -24.92
N ASN B 436 -7.78 -3.29 -25.56
CA ASN B 436 -7.67 -3.17 -27.03
C ASN B 436 -9.07 -3.16 -27.58
N THR B 437 -9.78 -2.09 -27.29
CA THR B 437 -11.14 -1.99 -27.74
C THR B 437 -11.55 -0.53 -27.85
N LYS B 438 -12.48 -0.30 -28.76
CA LYS B 438 -13.13 0.96 -28.90
C LYS B 438 -14.09 0.97 -27.72
N ILE B 439 -14.07 2.09 -27.02
CA ILE B 439 -14.95 2.40 -25.93
C ILE B 439 -15.80 3.62 -26.30
N GLU B 440 -17.11 3.45 -26.15
CA GLU B 440 -18.09 4.53 -26.32
C GLU B 440 -18.82 4.65 -24.99
N VAL B 441 -18.97 5.88 -24.52
CA VAL B 441 -19.80 6.24 -23.40
C VAL B 441 -21.10 6.82 -24.02
N SER B 442 -22.24 6.17 -23.74
CA SER B 442 -23.57 6.59 -24.22
C SER B 442 -23.97 8.03 -23.88
N LYS B 443 -24.79 8.65 -24.74
CA LYS B 443 -25.43 9.94 -24.42
C LYS B 443 -26.41 9.88 -23.24
N TYR B 444 -26.88 8.69 -22.89
CA TYR B 444 -27.94 8.56 -21.88
C TYR B 444 -27.43 7.97 -20.58
N LYS B 445 -27.80 8.59 -19.44
CA LYS B 445 -27.63 7.96 -18.13
C LYS B 445 -28.52 6.71 -18.00
N GLU B 446 -29.80 6.89 -18.31
CA GLU B 446 -30.86 5.95 -17.93
C GLU B 446 -31.12 4.88 -18.99
N VAL B 447 -30.08 4.13 -19.33
CA VAL B 447 -30.14 3.09 -20.33
C VAL B 447 -31.02 1.89 -19.96
N THR B 448 -31.21 1.71 -18.65
CA THR B 448 -32.01 0.63 -18.08
C THR B 448 -33.51 0.82 -18.30
N SER B 449 -34.07 1.98 -17.91
CA SER B 449 -35.45 2.31 -18.29
C SER B 449 -35.61 2.52 -19.82
N LEU B 450 -34.50 2.86 -20.49
CA LEU B 450 -34.55 3.14 -21.93
C LEU B 450 -34.89 1.90 -22.67
N GLY B 451 -34.21 0.80 -22.34
CA GLY B 451 -34.45 -0.49 -22.99
C GLY B 451 -35.90 -0.99 -22.89
N ALA B 452 -36.53 -0.82 -21.74
CA ALA B 452 -37.91 -1.27 -21.54
C ALA B 452 -38.92 -0.44 -22.36
N ALA B 453 -38.69 0.87 -22.50
CA ALA B 453 -39.48 1.74 -23.35
C ALA B 453 -39.38 1.30 -24.80
N VAL B 454 -38.17 0.93 -25.22
CA VAL B 454 -37.91 0.53 -26.60
C VAL B 454 -38.67 -0.73 -26.91
N LEU B 455 -38.52 -1.74 -26.06
CA LEU B 455 -39.26 -2.99 -26.16
C LEU B 455 -40.76 -2.79 -26.17
N ALA B 456 -41.29 -2.01 -25.24
CA ALA B 456 -42.74 -1.74 -25.20
C ALA B 456 -43.28 -1.04 -26.47
N GLY B 457 -42.52 -0.04 -26.97
CA GLY B 457 -42.85 0.68 -28.18
C GLY B 457 -42.76 -0.17 -29.43
N LEU B 458 -41.72 -0.98 -29.57
CA LEU B 458 -41.69 -1.91 -30.72
C LEU B 458 -42.95 -2.84 -30.77
N GLU B 459 -43.42 -3.31 -29.61
CA GLU B 459 -44.52 -4.27 -29.56
C GLU B 459 -45.81 -3.71 -30.14
N VAL B 460 -46.13 -2.47 -29.77
CA VAL B 460 -47.27 -1.74 -30.33
C VAL B 460 -46.94 -0.95 -31.61
N LYS B 461 -45.81 -1.24 -32.24
CA LYS B 461 -45.43 -0.59 -33.49
C LYS B 461 -45.37 0.95 -33.42
N ILE B 462 -44.88 1.53 -32.32
CA ILE B 462 -44.71 2.97 -32.27
C ILE B 462 -43.68 3.40 -33.32
N TRP B 463 -42.62 2.63 -33.46
CA TRP B 463 -41.66 2.87 -34.52
C TRP B 463 -41.76 1.71 -35.49
N ASP B 464 -41.40 2.04 -36.73
CA ASP B 464 -41.62 1.24 -37.94
C ASP B 464 -40.65 0.06 -38.19
N SER B 465 -39.75 -0.22 -37.23
CA SER B 465 -38.53 -1.05 -37.42
C SER B 465 -37.49 -0.73 -36.35
N LEU B 466 -36.70 -1.73 -35.95
CA LEU B 466 -35.67 -1.56 -34.94
C LEU B 466 -34.59 -0.53 -35.35
N ASP B 467 -34.27 -0.50 -36.66
CA ASP B 467 -33.33 0.46 -37.29
C ASP B 467 -33.74 1.91 -37.11
N SER B 468 -35.04 2.16 -37.02
CA SER B 468 -35.53 3.51 -36.73
C SER B 468 -34.96 3.98 -35.37
N VAL B 469 -35.13 3.13 -34.33
CA VAL B 469 -34.56 3.40 -33.00
C VAL B 469 -33.02 3.27 -32.93
N LYS B 470 -32.43 2.32 -33.67
CA LYS B 470 -30.99 2.03 -33.56
C LYS B 470 -30.08 3.27 -33.51
N SER B 471 -30.24 4.16 -34.48
CA SER B 471 -29.37 5.35 -34.64
C SER B 471 -29.56 6.39 -33.50
N LEU B 472 -30.82 6.49 -33.04
CA LEU B 472 -31.16 7.22 -31.80
C LEU B 472 -30.42 6.63 -30.58
N LEU B 473 -30.58 5.34 -30.31
CA LEU B 473 -29.86 4.64 -29.22
C LEU B 473 -28.30 4.72 -29.23
N ARG B 474 -27.67 4.64 -30.41
CA ARG B 474 -26.19 4.63 -30.54
C ARG B 474 -25.41 5.97 -30.29
N ARG B 475 -26.12 7.07 -30.10
CA ARG B 475 -25.50 8.34 -29.71
C ARG B 475 -24.55 8.20 -28.50
N SER B 476 -23.29 8.59 -28.76
CA SER B 476 -22.23 8.59 -27.76
C SER B 476 -21.81 9.99 -27.41
N ASP B 477 -21.27 10.09 -26.22
CA ASP B 477 -21.01 11.33 -25.53
C ASP B 477 -19.48 11.53 -25.35
N ALA B 478 -18.73 10.44 -25.65
CA ALA B 478 -17.27 10.32 -25.57
C ALA B 478 -16.90 9.03 -26.24
N VAL B 479 -15.79 9.02 -26.97
CA VAL B 479 -15.36 7.85 -27.75
C VAL B 479 -13.85 7.73 -27.59
N PHE B 480 -13.39 6.48 -27.44
CA PHE B 480 -11.97 6.14 -27.17
C PHE B 480 -11.51 5.02 -28.08
N HIS B 481 -10.30 5.18 -28.62
CA HIS B 481 -9.66 4.17 -29.49
C HIS B 481 -8.33 3.87 -28.85
N SER B 482 -7.83 2.66 -29.05
CA SER B 482 -6.57 2.26 -28.45
C SER B 482 -5.36 3.05 -28.98
N LYS B 483 -4.61 3.67 -28.05
CA LYS B 483 -3.39 4.41 -28.36
C LYS B 483 -2.11 3.68 -27.93
N MET B 484 -2.20 2.39 -27.64
CA MET B 484 -1.06 1.61 -27.13
C MET B 484 -0.67 0.52 -28.12
N ASP B 485 0.62 0.40 -28.38
CA ASP B 485 1.15 -0.63 -29.30
C ASP B 485 1.15 -1.99 -28.63
N ASP B 486 0.98 -3.06 -29.41
CA ASP B 486 0.86 -4.39 -28.85
C ASP B 486 2.05 -4.87 -28.08
N LYS B 487 3.23 -4.38 -28.40
CA LYS B 487 4.43 -4.72 -27.61
C LYS B 487 4.41 -4.16 -26.17
N LYS B 488 3.90 -2.95 -26.02
CA LYS B 488 3.77 -2.31 -24.73
C LYS B 488 2.60 -2.95 -23.92
N ARG B 489 1.55 -3.41 -24.62
CA ARG B 489 0.43 -4.06 -23.97
C ARG B 489 0.96 -5.37 -23.40
N LYS B 490 1.71 -6.10 -24.21
CA LYS B 490 2.25 -7.38 -23.77
C LYS B 490 3.20 -7.21 -22.57
N LYS B 491 3.86 -6.07 -22.49
CA LYS B 491 4.87 -5.88 -21.48
C LYS B 491 4.21 -5.51 -20.16
N LYS B 492 3.19 -4.67 -20.23
CA LYS B 492 2.43 -4.28 -19.08
C LYS B 492 1.62 -5.45 -18.55
N THR B 493 0.86 -6.14 -19.41
CA THR B 493 -0.03 -7.18 -18.87
C THR B 493 0.77 -8.33 -18.30
N SER B 494 2.02 -8.45 -18.73
CA SER B 494 2.91 -9.50 -18.22
C SER B 494 3.58 -9.09 -16.89
N GLU B 495 3.92 -7.81 -16.74
CA GLU B 495 4.21 -7.24 -15.40
C GLU B 495 3.04 -7.38 -14.38
N TRP B 496 1.80 -7.24 -14.86
CA TRP B 496 0.59 -7.46 -14.06
C TRP B 496 0.50 -8.93 -13.61
N ASN B 497 0.64 -9.83 -14.59
CA ASN B 497 0.65 -11.27 -14.38
C ASN B 497 1.64 -11.75 -13.31
N LYS B 498 2.81 -11.13 -13.26
CA LYS B 498 3.82 -11.47 -12.30
C LYS B 498 3.45 -10.98 -10.92
N ALA B 499 2.85 -9.80 -10.86
CA ALA B 499 2.36 -9.23 -9.64
C ALA B 499 1.20 -10.06 -9.08
N VAL B 500 0.43 -10.71 -9.95
CA VAL B 500 -0.69 -11.54 -9.50
C VAL B 500 -0.15 -12.87 -8.98
N GLU B 501 0.95 -13.30 -9.57
CA GLU B 501 1.70 -14.45 -9.15
C GLU B 501 2.31 -14.38 -7.76
N ARG B 502 2.93 -13.25 -7.43
CA ARG B 502 3.48 -12.99 -6.11
C ARG B 502 2.36 -12.99 -5.07
N THR B 503 1.24 -12.41 -5.46
CA THR B 503 0.02 -12.32 -4.68
C THR B 503 -0.57 -13.74 -4.36
N LEU B 504 -0.39 -14.69 -5.28
CA LEU B 504 -1.09 -15.95 -5.21
C LEU B 504 -0.20 -17.15 -4.86
N ILE B 505 1.10 -17.05 -5.11
CA ILE B 505 2.06 -18.16 -4.85
C ILE B 505 1.92 -18.65 -3.42
N GLN B 506 1.97 -19.98 -3.24
CA GLN B 506 1.67 -20.61 -1.93
C GLN B 506 2.96 -20.95 -1.21
N LEU B 507 3.06 -20.49 0.03
CA LEU B 507 4.33 -20.56 0.73
C LEU B 507 4.13 -21.05 2.18
#